data_8AGR
#
_entry.id   8AGR
#
_cell.length_a   60.874
_cell.length_b   95.719
_cell.length_c   68.013
_cell.angle_alpha   90.000
_cell.angle_beta   96.260
_cell.angle_gamma   90.000
#
_symmetry.space_group_name_H-M   'P 1 21 1'
#
loop_
_entity.id
_entity.type
_entity.pdbx_description
1 polymer 'Beta-lactamase family protein'
2 non-polymer 'SULFATE ION'
3 non-polymer 1,2-ETHANEDIOL
4 water water
#
_entity_poly.entity_id   1
_entity_poly.type   'polypeptide(L)'
_entity_poly.pdbx_seq_one_letter_code
;MATERQAAIAKKRQTDKALNKKAALKNSQLSRKINQTTFSNNKNTDEQVTKALNLSHFVGSALVVKNDHVIYNRAFGYAN
KAKNQRNKVNSKYQILSIQKSMTAVGIMQLVQAGKVKLTDPISKYYPTLKHGRQTTLRQMLDMTTGFRLKSGSKEFLPEN
QVIDFAAHNVFYYPDKNGIYNYSSVNFLLLAGIIRKVTGQSYQHFFTTHFIDKLNLNETGFLIHGQGQDATTGYRALADQ
TLPNYDQTMPESKSQMANELGTGQVYMSTADLFTVESAILKGQLLSKKNVAILHTRTATGEYGGGVYNMSNGIRSHGLGY
GYESSIFLSPDGKTGVVLMSNYYRKAAGIQATANKIFTELMKGDIKLEHHHHHH
;
_entity_poly.pdbx_strand_id   A,B
#
loop_
_chem_comp.id
_chem_comp.type
_chem_comp.name
_chem_comp.formula
EDO non-polymer 1,2-ETHANEDIOL 'C2 H6 O2'
SO4 non-polymer 'SULFATE ION' 'O4 S -2'
#
# COMPACT_ATOMS: atom_id res chain seq x y z
N ASN A 41 -6.65 -25.31 -7.77
CA ASN A 41 -5.91 -26.56 -7.39
C ASN A 41 -4.45 -26.39 -7.77
N ASN A 42 -3.56 -27.19 -7.16
CA ASN A 42 -2.15 -27.16 -7.49
C ASN A 42 -1.88 -27.82 -8.84
N LYS A 43 -2.77 -28.76 -9.24
CA LYS A 43 -2.70 -29.40 -10.54
C LYS A 43 -3.02 -28.38 -11.64
N ASN A 44 -4.13 -27.67 -11.46
CA ASN A 44 -4.51 -26.56 -12.29
C ASN A 44 -3.37 -25.54 -12.36
N THR A 45 -2.88 -25.11 -11.17
CA THR A 45 -1.87 -24.07 -11.06
C THR A 45 -0.63 -24.49 -11.84
N ASP A 46 -0.19 -25.73 -11.63
CA ASP A 46 0.97 -26.28 -12.31
C ASP A 46 0.82 -26.21 -13.85
N GLU A 47 -0.35 -26.61 -14.38
CA GLU A 47 -0.58 -26.63 -15.81
C GLU A 47 -0.58 -25.21 -16.38
N GLN A 48 -1.30 -24.30 -15.73
CA GLN A 48 -1.47 -22.94 -16.23
C GLN A 48 -0.15 -22.18 -16.17
N VAL A 49 0.62 -22.31 -15.08
CA VAL A 49 1.85 -21.53 -14.94
C VAL A 49 2.92 -22.10 -15.88
N THR A 50 3.04 -23.44 -15.94
CA THR A 50 4.01 -24.04 -16.82
C THR A 50 3.75 -23.61 -18.26
N LYS A 51 2.47 -23.48 -18.66
CA LYS A 51 2.14 -23.07 -20.02
C LYS A 51 2.59 -21.64 -20.26
N ALA A 52 2.29 -20.75 -19.29
CA ALA A 52 2.73 -19.37 -19.39
C ALA A 52 4.25 -19.32 -19.55
N LEU A 53 5.00 -20.11 -18.77
CA LEU A 53 6.44 -20.05 -18.82
C LEU A 53 6.97 -20.62 -20.13
N ASN A 54 6.38 -21.73 -20.58
CA ASN A 54 6.79 -22.36 -21.83
C ASN A 54 6.56 -21.41 -23.03
N LEU A 55 5.40 -20.75 -23.09
CA LEU A 55 5.10 -19.84 -24.19
C LEU A 55 6.01 -18.61 -24.20
N SER A 56 6.55 -18.25 -23.02
CA SER A 56 7.40 -17.06 -22.90
C SER A 56 8.87 -17.41 -23.07
N HIS A 57 9.18 -18.69 -23.37
CA HIS A 57 10.54 -19.14 -23.55
C HIS A 57 11.39 -18.99 -22.26
N PHE A 58 10.79 -19.27 -21.09
CA PHE A 58 11.46 -19.06 -19.81
C PHE A 58 12.67 -19.96 -19.61
N VAL A 59 13.78 -19.35 -19.15
CA VAL A 59 14.98 -20.05 -18.74
C VAL A 59 15.33 -19.56 -17.34
N GLY A 60 15.32 -20.45 -16.36
CA GLY A 60 15.63 -20.07 -14.99
C GLY A 60 14.77 -20.76 -13.95
N SER A 61 14.55 -20.10 -12.82
CA SER A 61 13.71 -20.68 -11.76
C SER A 61 12.52 -19.77 -11.42
N ALA A 62 11.36 -20.42 -11.19
CA ALA A 62 10.11 -19.74 -10.92
C ALA A 62 9.54 -20.20 -9.60
N LEU A 63 9.09 -19.22 -8.78
CA LEU A 63 8.48 -19.49 -7.48
C LEU A 63 7.18 -18.67 -7.35
N VAL A 64 6.11 -19.34 -6.91
CA VAL A 64 4.82 -18.70 -6.71
C VAL A 64 4.33 -19.11 -5.33
N VAL A 65 3.98 -18.09 -4.53
CA VAL A 65 3.54 -18.22 -3.16
C VAL A 65 2.17 -17.56 -3.05
N LYS A 66 1.22 -18.24 -2.38
CA LYS A 66 -0.08 -17.69 -2.08
C LYS A 66 -0.41 -17.92 -0.59
N ASN A 67 -0.66 -16.83 0.16
CA ASN A 67 -0.98 -16.88 1.58
C ASN A 67 0.02 -17.72 2.36
N ASP A 68 1.30 -17.42 2.14
CA ASP A 68 2.44 -18.00 2.82
C ASP A 68 2.78 -19.43 2.38
N HIS A 69 2.02 -20.00 1.43
CA HIS A 69 2.22 -21.36 1.00
C HIS A 69 2.76 -21.40 -0.44
N VAL A 70 3.83 -22.14 -0.65
CA VAL A 70 4.35 -22.33 -2.00
C VAL A 70 3.33 -23.12 -2.80
N ILE A 71 2.90 -22.59 -3.97
CA ILE A 71 1.99 -23.31 -4.84
C ILE A 71 2.63 -23.70 -6.18
N TYR A 72 3.81 -23.14 -6.52
CA TYR A 72 4.54 -23.52 -7.74
C TYR A 72 6.02 -23.30 -7.47
N ASN A 73 6.84 -24.25 -7.91
CA ASN A 73 8.28 -24.16 -7.68
C ASN A 73 8.98 -25.06 -8.71
N ARG A 74 9.48 -24.46 -9.78
CA ARG A 74 10.06 -25.23 -10.88
C ARG A 74 11.14 -24.45 -11.61
N ALA A 75 12.07 -25.20 -12.24
CA ALA A 75 13.14 -24.64 -13.03
C ALA A 75 13.08 -25.15 -14.47
N PHE A 76 13.66 -24.35 -15.38
CA PHE A 76 13.60 -24.59 -16.82
C PHE A 76 14.95 -24.26 -17.46
N GLY A 77 15.29 -25.02 -18.53
CA GLY A 77 16.49 -24.73 -19.30
C GLY A 77 17.79 -25.04 -18.55
N TYR A 78 18.90 -24.44 -19.01
CA TYR A 78 20.21 -24.83 -18.53
C TYR A 78 20.88 -23.74 -17.68
N ALA A 79 21.47 -24.16 -16.55
CA ALA A 79 22.38 -23.32 -15.78
C ALA A 79 23.72 -23.15 -16.52
N ASN A 80 24.19 -24.22 -17.16
CA ASN A 80 25.41 -24.19 -17.96
C ASN A 80 25.27 -25.25 -19.06
N LYS A 81 25.12 -24.81 -20.31
CA LYS A 81 24.82 -25.72 -21.41
C LYS A 81 26.06 -26.58 -21.75
N ALA A 82 27.24 -25.97 -21.80
CA ALA A 82 28.45 -26.70 -22.17
C ALA A 82 28.70 -27.84 -21.18
N LYS A 83 28.35 -27.67 -19.91
CA LYS A 83 28.57 -28.73 -18.92
C LYS A 83 27.33 -29.61 -18.76
N ASN A 84 26.29 -29.38 -19.59
CA ASN A 84 25.04 -30.11 -19.52
C ASN A 84 24.45 -30.07 -18.11
N GLN A 85 24.44 -28.87 -17.49
CA GLN A 85 23.84 -28.66 -16.17
C GLN A 85 22.49 -27.92 -16.28
N ARG A 86 21.39 -28.59 -15.93
CA ARG A 86 20.07 -28.01 -15.91
C ARG A 86 19.96 -27.02 -14.75
N ASN A 87 19.23 -25.95 -14.98
CA ASN A 87 18.78 -25.11 -13.88
C ASN A 87 17.95 -25.95 -12.91
N LYS A 88 18.11 -25.66 -11.61
CA LYS A 88 17.34 -26.33 -10.57
C LYS A 88 16.55 -25.29 -9.76
N VAL A 89 15.58 -25.78 -8.97
CA VAL A 89 14.80 -24.89 -8.09
C VAL A 89 15.70 -24.03 -7.22
N ASN A 90 16.80 -24.60 -6.69
CA ASN A 90 17.68 -23.87 -5.78
C ASN A 90 18.96 -23.39 -6.46
N SER A 91 18.93 -23.29 -7.80
CA SER A 91 20.03 -22.67 -8.53
C SER A 91 20.15 -21.21 -8.06
N LYS A 92 21.35 -20.64 -8.22
CA LYS A 92 21.66 -19.30 -7.76
C LYS A 92 21.73 -18.36 -8.96
N TYR A 93 21.04 -17.20 -8.85
CA TYR A 93 20.94 -16.23 -9.93
C TYR A 93 21.33 -14.85 -9.40
N GLN A 94 21.64 -13.91 -10.30
CA GLN A 94 21.95 -12.54 -9.90
C GLN A 94 20.65 -11.81 -9.52
N ILE A 95 20.62 -11.21 -8.32
CA ILE A 95 19.46 -10.43 -7.95
C ILE A 95 19.50 -9.03 -8.57
N LEU A 96 20.70 -8.60 -9.05
CA LEU A 96 20.86 -7.36 -9.75
C LEU A 96 20.23 -6.23 -8.91
N SER A 97 19.48 -5.31 -9.56
CA SER A 97 18.94 -4.09 -8.90
C SER A 97 17.99 -4.37 -7.75
N ILE A 98 17.50 -5.60 -7.60
CA ILE A 98 16.67 -5.92 -6.44
C ILE A 98 17.47 -5.76 -5.15
N GLN A 99 18.82 -5.82 -5.26
CA GLN A 99 19.67 -5.59 -4.10
C GLN A 99 19.46 -4.20 -3.50
N LYS A 100 19.01 -3.23 -4.31
CA LYS A 100 18.84 -1.86 -3.83
C LYS A 100 17.76 -1.77 -2.72
N SER A 101 16.73 -2.63 -2.76
CA SER A 101 15.73 -2.72 -1.69
C SER A 101 16.37 -3.11 -0.35
N MET A 102 17.46 -3.87 -0.41
CA MET A 102 18.13 -4.33 0.79
C MET A 102 19.09 -3.28 1.33
N THR A 103 19.83 -2.60 0.42
CA THR A 103 20.61 -1.45 0.80
C THR A 103 19.74 -0.38 1.48
N ALA A 104 18.53 -0.17 0.95
CA ALA A 104 17.60 0.82 1.52
C ALA A 104 17.21 0.48 2.96
N VAL A 105 16.89 -0.79 3.20
CA VAL A 105 16.52 -1.26 4.52
C VAL A 105 17.67 -1.03 5.49
N GLY A 106 18.90 -1.30 5.03
CA GLY A 106 20.07 -1.06 5.85
C GLY A 106 20.20 0.40 6.31
N ILE A 107 19.92 1.33 5.38
CA ILE A 107 19.93 2.75 5.70
C ILE A 107 18.87 3.06 6.77
N MET A 108 17.67 2.48 6.61
CA MET A 108 16.57 2.79 7.49
C MET A 108 16.79 2.17 8.88
N GLN A 109 17.51 1.05 8.97
CA GLN A 109 17.92 0.50 10.25
C GLN A 109 18.84 1.48 10.99
N LEU A 110 19.73 2.12 10.25
CA LEU A 110 20.65 3.11 10.81
C LEU A 110 19.86 4.34 11.28
N VAL A 111 18.81 4.71 10.54
CA VAL A 111 17.92 5.79 10.97
C VAL A 111 17.30 5.44 12.33
N GLN A 112 16.77 4.23 12.47
CA GLN A 112 16.11 3.84 13.71
C GLN A 112 17.09 3.80 14.89
N ALA A 113 18.34 3.43 14.60
CA ALA A 113 19.42 3.38 15.59
C ALA A 113 19.93 4.77 15.97
N GLY A 114 19.48 5.82 15.26
CA GLY A 114 19.89 7.20 15.51
C GLY A 114 21.24 7.59 14.89
N LYS A 115 21.72 6.83 13.89
CA LYS A 115 23.05 7.05 13.35
C LYS A 115 23.06 7.88 12.08
N VAL A 116 21.93 7.93 11.35
CA VAL A 116 21.76 8.83 10.22
C VAL A 116 20.33 9.39 10.29
N LYS A 117 20.05 10.41 9.48
CA LYS A 117 18.71 10.90 9.26
C LYS A 117 18.43 10.95 7.75
N LEU A 118 17.17 10.71 7.35
CA LEU A 118 16.82 10.81 5.92
C LEU A 118 16.92 12.25 5.42
N THR A 119 16.85 13.24 6.31
CA THR A 119 17.05 14.64 5.92
C THR A 119 18.55 15.01 5.80
N ASP A 120 19.48 14.12 6.16
CA ASP A 120 20.90 14.44 6.08
C ASP A 120 21.28 14.82 4.65
N PRO A 121 22.14 15.84 4.43
CA PRO A 121 22.68 16.10 3.08
C PRO A 121 23.83 15.14 2.76
N ILE A 122 23.98 14.80 1.49
CA ILE A 122 25.03 13.89 1.05
C ILE A 122 26.42 14.39 1.43
N SER A 123 26.62 15.73 1.46
CA SER A 123 27.92 16.30 1.80
C SER A 123 28.32 16.00 3.25
N LYS A 124 27.37 15.63 4.12
CA LYS A 124 27.75 15.23 5.48
C LYS A 124 28.66 14.00 5.44
N TYR A 125 28.41 13.10 4.47
CA TYR A 125 29.17 11.87 4.36
C TYR A 125 30.27 11.95 3.30
N TYR A 126 30.09 12.84 2.30
CA TYR A 126 31.04 12.98 1.20
C TYR A 126 31.51 14.44 1.10
N PRO A 127 32.38 14.89 2.03
CA PRO A 127 32.72 16.31 2.13
C PRO A 127 33.49 16.93 0.97
N THR A 128 34.02 16.12 0.05
CA THR A 128 34.76 16.66 -1.09
C THR A 128 33.91 16.75 -2.38
N LEU A 129 32.62 16.37 -2.31
CA LEU A 129 31.73 16.62 -3.44
C LEU A 129 31.75 18.09 -3.84
N LYS A 130 31.79 18.36 -5.14
CA LYS A 130 31.74 19.72 -5.64
C LYS A 130 30.29 20.21 -5.81
N HIS A 131 29.36 19.35 -6.25
CA HIS A 131 28.02 19.79 -6.60
C HIS A 131 27.00 18.76 -6.10
N GLY A 132 25.72 19.18 -6.04
CA GLY A 132 24.63 18.37 -5.49
C GLY A 132 24.77 18.11 -3.99
N ARG A 133 25.46 19.00 -3.27
CA ARG A 133 25.85 18.73 -1.88
C ARG A 133 24.64 18.68 -0.96
N GLN A 134 23.55 19.37 -1.32
CA GLN A 134 22.32 19.47 -0.55
CA GLN A 134 22.37 19.44 -0.47
C GLN A 134 21.45 18.23 -0.68
N THR A 135 21.75 17.34 -1.65
CA THR A 135 20.92 16.17 -1.93
C THR A 135 20.74 15.33 -0.65
N THR A 136 19.49 14.99 -0.30
CA THR A 136 19.23 14.24 0.92
C THR A 136 19.33 12.72 0.75
N LEU A 137 19.47 12.02 1.87
CA LEU A 137 19.41 10.57 1.84
C LEU A 137 18.04 10.08 1.33
N ARG A 138 16.96 10.79 1.71
CA ARG A 138 15.62 10.48 1.20
C ARG A 138 15.60 10.47 -0.34
N GLN A 139 16.15 11.51 -0.98
CA GLN A 139 16.16 11.59 -2.44
C GLN A 139 17.01 10.44 -3.05
N MET A 140 18.16 10.13 -2.44
CA MET A 140 18.99 9.01 -2.90
C MET A 140 18.20 7.70 -2.88
N LEU A 141 17.40 7.47 -1.84
CA LEU A 141 16.57 6.28 -1.72
C LEU A 141 15.43 6.21 -2.74
N ASP A 142 15.03 7.35 -3.31
CA ASP A 142 13.86 7.48 -4.14
C ASP A 142 14.22 7.75 -5.60
N MET A 143 15.52 7.69 -5.97
CA MET A 143 15.98 8.02 -7.31
C MET A 143 15.47 9.39 -7.77
N THR A 144 15.52 10.39 -6.86
CA THR A 144 15.14 11.76 -7.21
C THR A 144 16.32 12.72 -7.12
N THR A 145 17.51 12.26 -7.49
CA THR A 145 18.72 13.07 -7.43
C THR A 145 19.16 13.40 -8.85
N GLY A 146 20.08 14.34 -8.93
CA GLY A 146 20.70 14.65 -10.20
C GLY A 146 22.03 13.95 -10.43
N PHE A 147 22.36 12.91 -9.64
CA PHE A 147 23.67 12.27 -9.75
C PHE A 147 23.64 11.20 -10.85
N ARG A 148 24.77 11.07 -11.56
CA ARG A 148 24.96 9.95 -12.48
C ARG A 148 26.45 9.61 -12.64
N LEU A 149 26.78 8.31 -12.55
CA LEU A 149 28.15 7.82 -12.74
C LEU A 149 28.16 7.09 -14.08
N LYS A 150 28.89 7.66 -15.05
CA LYS A 150 28.88 7.14 -16.42
C LYS A 150 29.55 5.77 -16.49
N SER A 151 30.64 5.60 -15.74
CA SER A 151 31.40 4.35 -15.73
CA SER A 151 31.42 4.36 -15.73
C SER A 151 32.08 4.18 -14.37
N GLY A 152 32.17 2.94 -13.89
CA GLY A 152 33.07 2.64 -12.77
C GLY A 152 34.52 2.47 -13.25
N SER A 153 35.42 2.23 -12.30
CA SER A 153 36.81 1.90 -12.60
C SER A 153 36.90 0.66 -13.48
N LYS A 154 37.84 0.66 -14.43
CA LYS A 154 38.20 -0.53 -15.20
C LYS A 154 39.04 -1.48 -14.37
N GLU A 155 39.70 -1.00 -13.30
CA GLU A 155 40.44 -1.85 -12.39
C GLU A 155 39.48 -2.54 -11.40
N PHE A 156 39.92 -3.66 -10.83
CA PHE A 156 39.24 -4.31 -9.72
C PHE A 156 39.69 -3.60 -8.45
N LEU A 157 38.78 -2.88 -7.78
CA LEU A 157 39.11 -2.10 -6.59
C LEU A 157 38.44 -2.67 -5.33
N PRO A 158 39.06 -2.49 -4.15
CA PRO A 158 38.41 -2.79 -2.88
C PRO A 158 37.29 -1.78 -2.59
N GLU A 159 36.37 -2.13 -1.69
CA GLU A 159 35.15 -1.36 -1.46
C GLU A 159 35.46 0.12 -1.23
N ASN A 160 36.43 0.46 -0.36
CA ASN A 160 36.68 1.85 -0.05
C ASN A 160 37.07 2.64 -1.30
N GLN A 161 37.82 2.02 -2.23
CA GLN A 161 38.27 2.68 -3.44
C GLN A 161 37.16 2.73 -4.50
N VAL A 162 36.23 1.75 -4.49
CA VAL A 162 35.04 1.83 -5.35
C VAL A 162 34.21 3.06 -4.97
N ILE A 163 34.08 3.29 -3.66
CA ILE A 163 33.31 4.41 -3.15
C ILE A 163 33.98 5.72 -3.55
N ASP A 164 35.29 5.80 -3.31
CA ASP A 164 36.01 7.04 -3.61
C ASP A 164 35.94 7.33 -5.10
N PHE A 165 36.02 6.30 -5.94
CA PHE A 165 36.02 6.51 -7.38
C PHE A 165 34.68 7.12 -7.78
N ALA A 166 33.58 6.64 -7.19
CA ALA A 166 32.27 7.15 -7.50
C ALA A 166 32.15 8.62 -7.10
N ALA A 167 32.57 8.95 -5.86
CA ALA A 167 32.41 10.31 -5.37
C ALA A 167 33.22 11.29 -6.22
N HIS A 168 34.38 10.88 -6.73
CA HIS A 168 35.22 11.74 -7.57
C HIS A 168 34.74 11.87 -9.00
N ASN A 169 34.03 10.87 -9.52
CA ASN A 169 33.68 10.84 -10.94
C ASN A 169 32.22 11.07 -11.24
N VAL A 170 31.34 11.10 -10.21
CA VAL A 170 29.91 11.31 -10.43
C VAL A 170 29.65 12.69 -11.08
N PHE A 171 28.70 12.72 -12.02
CA PHE A 171 28.22 13.96 -12.61
C PHE A 171 26.97 14.44 -11.84
N TYR A 172 26.73 15.75 -11.79
CA TYR A 172 25.51 16.28 -11.21
C TYR A 172 24.76 17.13 -12.23
N TYR A 173 23.48 16.79 -12.42
CA TYR A 173 22.55 17.46 -13.33
C TYR A 173 21.47 18.20 -12.53
N PRO A 174 21.59 19.52 -12.32
CA PRO A 174 20.60 20.27 -11.54
C PRO A 174 19.15 20.12 -12.04
N ASP A 175 18.95 19.89 -13.35
CA ASP A 175 17.60 19.82 -13.88
C ASP A 175 16.96 18.46 -13.54
N LYS A 176 17.75 17.50 -13.02
CA LYS A 176 17.19 16.22 -12.62
C LYS A 176 16.95 16.14 -11.12
N ASN A 177 17.41 17.14 -10.37
CA ASN A 177 17.18 17.16 -8.92
C ASN A 177 15.68 17.20 -8.66
N GLY A 178 15.19 16.27 -7.82
CA GLY A 178 13.84 16.27 -7.31
C GLY A 178 12.82 15.58 -8.22
N ILE A 179 13.29 14.95 -9.29
CA ILE A 179 12.45 14.27 -10.27
C ILE A 179 12.91 12.82 -10.41
N TYR A 180 11.96 11.86 -10.42
CA TYR A 180 12.30 10.45 -10.56
C TYR A 180 13.14 10.26 -11.83
N ASN A 181 14.35 9.71 -11.65
CA ASN A 181 15.18 9.31 -12.77
C ASN A 181 16.13 8.23 -12.26
N TYR A 182 16.05 7.02 -12.83
CA TYR A 182 16.78 5.88 -12.29
C TYR A 182 18.29 6.08 -12.47
N SER A 183 19.04 5.98 -11.38
CA SER A 183 20.48 6.20 -11.38
C SER A 183 21.13 5.34 -10.29
N SER A 184 21.81 4.25 -10.67
CA SER A 184 22.37 3.28 -9.70
C SER A 184 23.37 3.88 -8.70
N VAL A 185 24.11 4.90 -9.11
CA VAL A 185 25.13 5.50 -8.24
C VAL A 185 24.53 5.98 -6.91
N ASN A 186 23.22 6.33 -6.90
CA ASN A 186 22.58 6.72 -5.65
C ASN A 186 22.76 5.65 -4.59
N PHE A 187 22.58 4.38 -4.97
CA PHE A 187 22.56 3.27 -4.02
C PHE A 187 23.97 2.80 -3.70
N LEU A 188 24.91 2.98 -4.65
CA LEU A 188 26.30 2.75 -4.31
C LEU A 188 26.76 3.75 -3.25
N LEU A 189 26.41 5.03 -3.44
CA LEU A 189 26.77 6.03 -2.45
C LEU A 189 26.06 5.77 -1.11
N LEU A 190 24.83 5.19 -1.13
CA LEU A 190 24.19 4.78 0.12
C LEU A 190 24.99 3.66 0.79
N ALA A 191 25.50 2.70 0.02
CA ALA A 191 26.34 1.63 0.56
C ALA A 191 27.60 2.19 1.21
N GLY A 192 28.15 3.28 0.64
CA GLY A 192 29.28 3.94 1.25
C GLY A 192 28.94 4.58 2.59
N ILE A 193 27.70 5.09 2.72
CA ILE A 193 27.27 5.66 3.99
C ILE A 193 27.17 4.57 5.06
N ILE A 194 26.60 3.40 4.69
CA ILE A 194 26.59 2.28 5.62
C ILE A 194 28.04 1.97 6.08
N ARG A 195 28.99 1.87 5.15
CA ARG A 195 30.37 1.58 5.52
C ARG A 195 30.93 2.64 6.49
N LYS A 196 30.74 3.92 6.15
CA LYS A 196 31.32 5.02 6.93
C LYS A 196 30.74 5.05 8.34
N VAL A 197 29.43 4.88 8.46
CA VAL A 197 28.77 5.01 9.76
C VAL A 197 29.05 3.79 10.64
N THR A 198 29.11 2.59 10.07
CA THR A 198 29.25 1.36 10.85
C THR A 198 30.73 1.05 11.15
N GLY A 199 31.66 1.54 10.32
CA GLY A 199 33.08 1.18 10.47
C GLY A 199 33.44 -0.22 9.97
N GLN A 200 32.49 -0.91 9.30
CA GLN A 200 32.69 -2.22 8.70
C GLN A 200 32.29 -2.18 7.23
N SER A 201 32.69 -3.20 6.48
CA SER A 201 32.39 -3.23 5.05
C SER A 201 30.88 -3.43 4.83
N TYR A 202 30.43 -3.06 3.62
CA TYR A 202 29.07 -3.36 3.21
C TYR A 202 28.82 -4.87 3.20
N GLN A 203 29.80 -5.65 2.70
CA GLN A 203 29.66 -7.11 2.68
C GLN A 203 29.39 -7.61 4.10
N HIS A 204 30.08 -7.03 5.09
CA HIS A 204 29.91 -7.45 6.47
C HIS A 204 28.50 -7.11 6.98
N PHE A 205 28.04 -5.88 6.71
CA PHE A 205 26.69 -5.47 7.03
C PHE A 205 25.65 -6.41 6.42
N PHE A 206 25.77 -6.68 5.11
CA PHE A 206 24.82 -7.53 4.40
C PHE A 206 24.79 -8.94 4.99
N THR A 207 25.98 -9.52 5.23
CA THR A 207 26.10 -10.84 5.83
C THR A 207 25.41 -10.89 7.19
N THR A 208 25.67 -9.89 8.05
CA THR A 208 25.07 -9.85 9.38
C THR A 208 23.54 -9.74 9.33
N HIS A 209 23.04 -8.78 8.55
CA HIS A 209 21.65 -8.34 8.71
C HIS A 209 20.68 -9.01 7.77
N PHE A 210 21.18 -9.75 6.77
CA PHE A 210 20.33 -10.50 5.85
C PHE A 210 20.69 -11.98 5.90
N ILE A 211 21.95 -12.32 5.60
CA ILE A 211 22.31 -13.73 5.44
C ILE A 211 22.19 -14.43 6.82
N ASP A 212 22.83 -13.86 7.84
CA ASP A 212 22.85 -14.51 9.13
C ASP A 212 21.48 -14.40 9.80
N LYS A 213 20.91 -13.19 9.75
CA LYS A 213 19.64 -12.91 10.39
C LYS A 213 18.56 -13.87 9.91
N LEU A 214 18.48 -14.14 8.60
CA LEU A 214 17.37 -14.94 8.05
C LEU A 214 17.82 -16.35 7.67
N ASN A 215 19.00 -16.77 8.15
CA ASN A 215 19.51 -18.11 7.88
C ASN A 215 19.52 -18.46 6.39
N LEU A 216 19.99 -17.52 5.56
CA LEU A 216 19.99 -17.77 4.13
C LEU A 216 21.20 -18.66 3.79
N ASN A 217 20.94 -19.77 3.05
CA ASN A 217 21.95 -20.78 2.74
CA ASN A 217 21.97 -20.76 2.74
C ASN A 217 22.32 -20.76 1.25
N GLU A 218 21.59 -19.99 0.41
CA GLU A 218 21.78 -19.95 -1.02
CA GLU A 218 21.83 -19.94 -1.02
C GLU A 218 22.04 -18.50 -1.49
N THR A 219 22.75 -17.71 -0.68
CA THR A 219 22.93 -16.27 -0.89
C THR A 219 24.37 -15.89 -0.63
N GLY A 220 24.92 -15.02 -1.48
CA GLY A 220 26.25 -14.51 -1.23
C GLY A 220 26.69 -13.50 -2.26
N PHE A 221 28.01 -13.20 -2.24
CA PHE A 221 28.60 -12.23 -3.16
C PHE A 221 29.26 -12.98 -4.31
N LEU A 222 28.88 -12.61 -5.54
CA LEU A 222 29.35 -13.26 -6.75
C LEU A 222 30.87 -13.28 -6.86
N ILE A 223 31.54 -12.23 -6.30
CA ILE A 223 33.00 -12.12 -6.38
C ILE A 223 33.66 -13.32 -5.69
N HIS A 224 33.00 -13.89 -4.68
CA HIS A 224 33.58 -15.01 -3.94
C HIS A 224 33.17 -16.36 -4.53
N GLY A 225 32.42 -16.38 -5.64
CA GLY A 225 31.95 -17.61 -6.25
C GLY A 225 30.61 -18.07 -5.68
N GLN A 226 29.84 -18.79 -6.51
CA GLN A 226 28.47 -19.16 -6.17
C GLN A 226 28.41 -20.47 -5.38
N GLY A 227 29.41 -21.35 -5.52
CA GLY A 227 29.36 -22.67 -4.91
C GLY A 227 28.43 -23.62 -5.68
N GLN A 228 27.70 -24.48 -4.97
CA GLN A 228 26.92 -25.52 -5.63
C GLN A 228 25.72 -24.88 -6.33
N ASP A 229 25.31 -25.47 -7.45
CA ASP A 229 24.14 -25.02 -8.22
C ASP A 229 24.35 -23.59 -8.74
N ALA A 230 25.55 -23.32 -9.24
CA ALA A 230 25.86 -22.03 -9.85
C ALA A 230 25.22 -21.95 -11.24
N THR A 231 25.01 -20.72 -11.71
CA THR A 231 24.54 -20.48 -13.06
C THR A 231 25.54 -19.65 -13.84
N THR A 232 25.38 -19.72 -15.16
CA THR A 232 26.17 -18.97 -16.13
C THR A 232 25.22 -18.09 -16.93
N GLY A 233 25.58 -16.81 -17.11
CA GLY A 233 24.78 -15.89 -17.92
C GLY A 233 25.03 -16.10 -19.42
N TYR A 234 23.97 -15.93 -20.23
CA TYR A 234 23.99 -16.08 -21.68
C TYR A 234 23.63 -14.77 -22.36
N ARG A 235 24.33 -14.50 -23.46
CA ARG A 235 24.11 -13.29 -24.26
C ARG A 235 23.18 -13.58 -25.43
N ALA A 236 22.15 -12.73 -25.59
CA ALA A 236 21.10 -12.93 -26.58
C ALA A 236 21.34 -11.99 -27.75
N LEU A 237 20.68 -12.29 -28.89
CA LEU A 237 20.48 -11.33 -29.97
C LEU A 237 19.21 -10.52 -29.73
N ALA A 238 19.11 -9.38 -30.45
CA ALA A 238 18.09 -8.39 -30.17
C ALA A 238 16.68 -8.99 -30.25
N ASP A 239 16.44 -9.81 -31.28
CA ASP A 239 15.10 -10.30 -31.53
C ASP A 239 14.96 -11.77 -31.13
N GLN A 240 15.98 -12.32 -30.45
CA GLN A 240 15.99 -13.73 -30.08
C GLN A 240 14.86 -14.07 -29.09
N THR A 241 14.16 -15.19 -29.35
CA THR A 241 13.20 -15.73 -28.41
C THR A 241 13.61 -17.13 -27.96
N LEU A 242 13.80 -18.05 -28.91
CA LEU A 242 14.21 -19.41 -28.54
C LEU A 242 15.63 -19.39 -27.98
N PRO A 243 15.86 -19.99 -26.79
CA PRO A 243 17.23 -20.12 -26.29
C PRO A 243 18.11 -21.01 -27.15
N ASN A 244 19.38 -20.60 -27.34
CA ASN A 244 20.35 -21.37 -28.12
C ASN A 244 21.71 -21.50 -27.42
N TYR A 245 22.02 -20.68 -26.39
CA TYR A 245 23.20 -20.88 -25.54
C TYR A 245 24.51 -20.79 -26.32
N ASP A 246 24.54 -20.08 -27.45
CA ASP A 246 25.72 -20.11 -28.29
C ASP A 246 26.73 -19.05 -27.84
N GLN A 247 26.36 -18.15 -26.91
CA GLN A 247 27.32 -17.14 -26.46
C GLN A 247 27.13 -16.88 -24.96
N THR A 248 28.17 -17.11 -24.17
CA THR A 248 28.13 -16.77 -22.74
C THR A 248 28.40 -15.28 -22.57
N MET A 249 27.93 -14.76 -21.43
CA MET A 249 28.10 -13.36 -21.12
C MET A 249 29.22 -13.27 -20.09
N PRO A 250 30.31 -12.51 -20.35
CA PRO A 250 31.35 -12.34 -19.35
C PRO A 250 30.89 -11.34 -18.29
N GLU A 251 31.46 -11.48 -17.09
CA GLU A 251 31.49 -10.41 -16.11
C GLU A 251 32.86 -10.40 -15.43
N SER A 252 33.44 -9.21 -15.33
CA SER A 252 34.76 -9.09 -14.75
C SER A 252 34.64 -8.93 -13.24
N LYS A 253 35.77 -9.15 -12.55
CA LYS A 253 35.88 -8.82 -11.13
C LYS A 253 35.56 -7.32 -10.93
N SER A 254 36.07 -6.51 -11.84
CA SER A 254 35.87 -5.07 -11.83
C SER A 254 34.37 -4.76 -11.88
N GLN A 255 33.66 -5.42 -12.81
CA GLN A 255 32.21 -5.21 -12.91
C GLN A 255 31.51 -5.58 -11.59
N MET A 256 31.91 -6.70 -10.97
CA MET A 256 31.24 -7.16 -9.76
C MET A 256 31.53 -6.21 -8.60
N ALA A 257 32.79 -5.73 -8.48
CA ALA A 257 33.18 -4.82 -7.40
C ALA A 257 32.40 -3.51 -7.56
N ASN A 258 32.20 -3.07 -8.81
CA ASN A 258 31.58 -1.78 -9.08
C ASN A 258 30.07 -1.80 -8.80
N GLU A 259 29.48 -2.97 -8.54
CA GLU A 259 28.06 -3.11 -8.20
C GLU A 259 27.87 -3.11 -6.67
N LEU A 260 28.82 -2.51 -5.94
CA LEU A 260 28.68 -2.32 -4.50
C LEU A 260 27.31 -1.69 -4.18
N GLY A 261 26.51 -2.38 -3.36
CA GLY A 261 25.21 -1.92 -2.93
C GLY A 261 24.08 -2.09 -3.95
N THR A 262 24.39 -2.50 -5.22
CA THR A 262 23.44 -2.29 -6.32
C THR A 262 23.16 -3.54 -7.18
N GLY A 263 24.01 -4.57 -7.13
CA GLY A 263 23.82 -5.75 -7.97
C GLY A 263 25.04 -6.66 -7.98
N GLN A 264 25.47 -7.09 -6.77
CA GLN A 264 26.67 -7.86 -6.59
C GLN A 264 26.40 -9.20 -5.91
N VAL A 265 25.10 -9.53 -5.70
CA VAL A 265 24.67 -10.62 -4.87
C VAL A 265 23.96 -11.70 -5.71
N TYR A 266 24.17 -12.98 -5.36
CA TYR A 266 23.35 -14.08 -5.88
C TYR A 266 22.40 -14.58 -4.80
N MET A 267 21.24 -15.07 -5.23
CA MET A 267 20.29 -15.74 -4.37
C MET A 267 19.56 -16.82 -5.18
N SER A 268 19.06 -17.83 -4.50
CA SER A 268 17.96 -18.64 -5.02
C SER A 268 16.67 -17.83 -5.02
N THR A 269 15.66 -18.28 -5.76
CA THR A 269 14.32 -17.68 -5.71
C THR A 269 13.73 -17.74 -4.30
N ALA A 270 13.98 -18.84 -3.56
CA ALA A 270 13.50 -18.97 -2.20
C ALA A 270 14.12 -17.91 -1.29
N ASP A 271 15.44 -17.72 -1.38
CA ASP A 271 16.12 -16.77 -0.53
C ASP A 271 15.62 -15.35 -0.84
N LEU A 272 15.42 -15.04 -2.14
CA LEU A 272 14.97 -13.69 -2.48
C LEU A 272 13.56 -13.44 -1.92
N PHE A 273 12.65 -14.42 -2.05
CA PHE A 273 11.33 -14.29 -1.45
C PHE A 273 11.42 -14.14 0.06
N THR A 274 12.24 -14.97 0.71
CA THR A 274 12.40 -14.90 2.16
C THR A 274 12.76 -13.47 2.60
N VAL A 275 13.72 -12.84 1.90
CA VAL A 275 14.17 -11.50 2.26
C VAL A 275 13.02 -10.47 2.11
N GLU A 276 12.41 -10.45 0.94
CA GLU A 276 11.46 -9.39 0.61
C GLU A 276 10.22 -9.53 1.47
N SER A 277 9.76 -10.78 1.69
CA SER A 277 8.62 -11.02 2.56
C SER A 277 8.92 -10.61 4.00
N ALA A 278 10.13 -10.96 4.50
CA ALA A 278 10.56 -10.54 5.85
C ALA A 278 10.56 -9.02 6.02
N ILE A 279 10.98 -8.29 4.97
CA ILE A 279 10.88 -6.85 5.01
C ILE A 279 9.43 -6.41 5.25
N LEU A 280 8.50 -6.84 4.39
CA LEU A 280 7.12 -6.33 4.46
C LEU A 280 6.40 -6.79 5.74
N LYS A 281 6.78 -7.96 6.27
CA LYS A 281 6.23 -8.48 7.51
CA LYS A 281 6.23 -8.46 7.52
C LYS A 281 6.83 -7.79 8.75
N GLY A 282 7.81 -6.91 8.55
CA GLY A 282 8.40 -6.16 9.65
C GLY A 282 9.30 -6.99 10.56
N GLN A 283 10.01 -7.96 10.00
CA GLN A 283 10.97 -8.76 10.73
C GLN A 283 12.35 -8.14 10.76
N LEU A 284 12.66 -7.20 9.86
CA LEU A 284 14.02 -6.65 9.78
C LEU A 284 14.05 -5.20 10.26
N LEU A 285 12.88 -4.58 10.34
CA LEU A 285 12.67 -3.16 10.46
C LEU A 285 11.22 -3.06 10.89
N SER A 286 10.88 -2.18 11.85
CA SER A 286 9.48 -2.12 12.27
C SER A 286 8.58 -1.84 11.07
N LYS A 287 7.33 -2.29 11.16
CA LYS A 287 6.37 -1.98 10.11
C LYS A 287 6.16 -0.46 9.98
N LYS A 288 6.27 0.29 11.08
CA LYS A 288 6.24 1.73 11.04
C LYS A 288 7.37 2.30 10.16
N ASN A 289 8.58 1.74 10.29
CA ASN A 289 9.71 2.23 9.51
C ASN A 289 9.68 1.74 8.07
N VAL A 290 9.15 0.54 7.81
CA VAL A 290 8.93 0.11 6.44
C VAL A 290 7.98 1.08 5.74
N ALA A 291 6.92 1.52 6.44
CA ALA A 291 5.95 2.42 5.85
C ALA A 291 6.60 3.76 5.49
N ILE A 292 7.49 4.28 6.32
CA ILE A 292 8.21 5.51 6.04
C ILE A 292 9.08 5.32 4.80
N LEU A 293 9.83 4.23 4.77
CA LEU A 293 10.80 3.96 3.72
C LEU A 293 10.07 3.80 2.39
N HIS A 294 9.07 2.90 2.38
CA HIS A 294 8.38 2.53 1.16
C HIS A 294 7.26 3.54 0.90
N THR A 295 7.64 4.77 0.53
CA THR A 295 6.68 5.79 0.18
C THR A 295 7.04 6.35 -1.19
N ARG A 296 6.06 6.36 -2.10
CA ARG A 296 6.27 6.88 -3.45
C ARG A 296 6.55 8.38 -3.40
N THR A 297 7.04 8.94 -4.52
CA THR A 297 7.23 10.38 -4.62
C THR A 297 6.16 11.03 -5.51
N ALA A 298 6.18 12.37 -5.56
CA ALA A 298 5.27 13.10 -6.42
C ALA A 298 5.43 12.66 -7.87
N THR A 299 6.68 12.38 -8.32
CA THR A 299 6.94 12.09 -9.72
C THR A 299 7.08 10.59 -10.04
N GLY A 300 7.18 9.71 -9.06
CA GLY A 300 7.35 8.31 -9.36
C GLY A 300 6.78 7.35 -8.32
N GLU A 301 6.45 6.14 -8.77
CA GLU A 301 6.08 5.07 -7.86
C GLU A 301 7.27 4.61 -7.03
N TYR A 302 8.50 4.85 -7.51
CA TYR A 302 9.68 4.36 -6.82
C TYR A 302 9.83 5.12 -5.48
N GLY A 303 10.13 4.39 -4.42
CA GLY A 303 10.43 5.01 -3.14
C GLY A 303 11.00 3.99 -2.16
N GLY A 304 12.12 4.34 -1.54
CA GLY A 304 12.72 3.46 -0.56
C GLY A 304 13.27 2.18 -1.15
N GLY A 305 13.71 2.22 -2.42
CA GLY A 305 14.37 1.10 -3.05
C GLY A 305 13.45 0.06 -3.70
N VAL A 306 12.15 0.34 -3.78
CA VAL A 306 11.22 -0.49 -4.51
C VAL A 306 10.28 0.40 -5.34
N TYR A 307 9.57 -0.20 -6.29
CA TYR A 307 8.39 0.43 -6.88
C TYR A 307 7.14 0.12 -6.06
N ASN A 308 6.48 1.18 -5.59
CA ASN A 308 5.28 1.06 -4.77
C ASN A 308 4.07 1.12 -5.72
N MET A 309 3.46 -0.04 -5.97
CA MET A 309 2.44 -0.21 -7.00
CA MET A 309 2.44 -0.22 -6.99
C MET A 309 1.05 -0.13 -6.35
N SER A 310 0.00 -0.36 -7.16
CA SER A 310 -1.36 -0.38 -6.65
CA SER A 310 -1.37 -0.38 -6.67
C SER A 310 -1.62 -1.66 -5.86
N ASN A 311 -0.88 -2.75 -6.14
CA ASN A 311 -1.22 -4.01 -5.45
C ASN A 311 0.01 -4.69 -4.83
N GLY A 312 0.91 -3.90 -4.21
CA GLY A 312 2.09 -4.41 -3.56
C GLY A 312 3.35 -3.71 -4.08
N ILE A 313 4.47 -4.42 -4.00
CA ILE A 313 5.73 -3.84 -4.44
C ILE A 313 6.28 -4.65 -5.61
N ARG A 314 7.11 -3.96 -6.40
CA ARG A 314 7.77 -4.54 -7.56
C ARG A 314 9.24 -4.13 -7.52
N SER A 315 10.12 -5.07 -7.88
CA SER A 315 11.52 -4.76 -8.17
C SER A 315 11.99 -5.58 -9.36
N HIS A 316 12.80 -4.95 -10.23
CA HIS A 316 13.28 -5.52 -11.47
C HIS A 316 14.77 -5.26 -11.61
N GLY A 317 15.50 -6.27 -12.06
CA GLY A 317 16.91 -6.14 -12.36
C GLY A 317 17.25 -6.73 -13.72
N LEU A 318 18.23 -6.06 -14.38
CA LEU A 318 18.77 -6.50 -15.66
C LEU A 318 20.28 -6.28 -15.63
N GLY A 319 21.04 -7.28 -16.12
CA GLY A 319 22.47 -7.07 -16.29
C GLY A 319 23.21 -8.40 -16.42
N TYR A 320 24.31 -8.38 -17.19
CA TYR A 320 25.27 -9.46 -17.23
C TYR A 320 24.67 -10.76 -17.77
N GLY A 321 23.60 -10.67 -18.59
CA GLY A 321 22.94 -11.84 -19.15
C GLY A 321 21.76 -12.33 -18.31
N TYR A 322 21.51 -11.66 -17.18
CA TYR A 322 20.50 -12.06 -16.21
C TYR A 322 19.34 -11.07 -16.20
N GLU A 323 18.21 -11.57 -15.72
CA GLU A 323 17.04 -10.76 -15.41
C GLU A 323 16.46 -11.27 -14.09
N SER A 324 15.98 -10.36 -13.25
CA SER A 324 15.32 -10.74 -12.01
C SER A 324 14.04 -9.95 -11.86
N SER A 325 13.03 -10.58 -11.26
CA SER A 325 11.70 -10.00 -11.12
C SER A 325 11.05 -10.52 -9.85
N ILE A 326 10.53 -9.59 -9.02
CA ILE A 326 9.64 -9.92 -7.93
C ILE A 326 8.42 -9.01 -7.96
N PHE A 327 7.24 -9.61 -7.75
CA PHE A 327 6.01 -8.92 -7.40
C PHE A 327 5.50 -9.50 -6.08
N LEU A 328 5.21 -8.65 -5.10
CA LEU A 328 4.83 -9.16 -3.78
C LEU A 328 3.69 -8.31 -3.22
N SER A 329 2.69 -8.98 -2.63
CA SER A 329 1.58 -8.31 -1.98
C SER A 329 2.05 -7.45 -0.80
N PRO A 330 1.31 -6.36 -0.47
CA PRO A 330 1.74 -5.46 0.60
C PRO A 330 2.04 -6.12 1.96
N ASP A 331 1.38 -7.25 2.25
CA ASP A 331 1.55 -7.92 3.54
C ASP A 331 2.63 -9.01 3.47
N GLY A 332 3.24 -9.19 2.29
CA GLY A 332 4.31 -10.16 2.14
C GLY A 332 3.85 -11.61 2.04
N LYS A 333 2.55 -11.88 1.92
CA LYS A 333 2.06 -13.26 1.97
C LYS A 333 1.90 -13.91 0.60
N THR A 334 1.81 -13.10 -0.48
CA THR A 334 1.47 -13.61 -1.80
C THR A 334 2.35 -12.97 -2.88
N GLY A 335 3.07 -13.77 -3.67
CA GLY A 335 3.91 -13.14 -4.68
C GLY A 335 4.52 -14.14 -5.66
N VAL A 336 5.32 -13.57 -6.59
CA VAL A 336 6.02 -14.34 -7.61
CA VAL A 336 5.98 -14.30 -7.66
C VAL A 336 7.44 -13.81 -7.76
N VAL A 337 8.37 -14.75 -7.81
CA VAL A 337 9.76 -14.48 -8.13
C VAL A 337 10.11 -15.28 -9.38
N LEU A 338 10.55 -14.60 -10.43
CA LEU A 338 11.23 -15.23 -11.54
C LEU A 338 12.66 -14.70 -11.61
N MET A 339 13.63 -15.60 -11.82
CA MET A 339 15.00 -15.22 -12.06
CA MET A 339 14.99 -15.18 -12.10
C MET A 339 15.50 -16.01 -13.28
N SER A 340 16.19 -15.34 -14.20
CA SER A 340 16.67 -15.95 -15.43
C SER A 340 18.17 -15.66 -15.62
N ASN A 341 18.90 -16.69 -16.10
CA ASN A 341 20.29 -16.54 -16.55
C ASN A 341 20.39 -16.35 -18.07
N TYR A 342 19.31 -15.97 -18.74
CA TYR A 342 19.30 -15.89 -20.22
C TYR A 342 18.33 -14.80 -20.65
N TYR A 343 18.65 -13.57 -20.26
CA TYR A 343 17.85 -12.41 -20.60
C TYR A 343 17.70 -12.27 -22.11
N ARG A 344 16.43 -12.09 -22.53
CA ARG A 344 16.09 -11.81 -23.93
C ARG A 344 15.06 -10.68 -23.95
N LYS A 345 15.42 -9.52 -24.52
CA LYS A 345 14.49 -8.40 -24.58
C LYS A 345 13.16 -8.80 -25.22
N ALA A 346 13.19 -9.75 -26.16
CA ALA A 346 12.00 -10.17 -26.90
C ALA A 346 11.23 -11.22 -26.14
N ALA A 347 11.78 -11.70 -25.01
CA ALA A 347 11.11 -12.65 -24.12
C ALA A 347 11.40 -12.28 -22.65
N GLY A 348 11.00 -11.05 -22.27
CA GLY A 348 11.28 -10.52 -20.94
C GLY A 348 10.45 -11.22 -19.87
N ILE A 349 11.03 -11.48 -18.69
CA ILE A 349 10.36 -12.25 -17.66
C ILE A 349 9.48 -11.38 -16.77
N GLN A 350 9.77 -10.07 -16.65
CA GLN A 350 8.95 -9.21 -15.81
C GLN A 350 7.49 -9.24 -16.28
N ALA A 351 7.25 -9.17 -17.60
CA ALA A 351 5.90 -9.21 -18.13
C ALA A 351 5.18 -10.49 -17.73
N THR A 352 5.92 -11.60 -17.72
CA THR A 352 5.39 -12.90 -17.37
C THR A 352 5.02 -12.97 -15.88
N ALA A 353 5.92 -12.48 -15.03
CA ALA A 353 5.66 -12.40 -13.60
C ALA A 353 4.45 -11.50 -13.30
N ASN A 354 4.33 -10.37 -14.02
CA ASN A 354 3.19 -9.48 -13.88
C ASN A 354 1.89 -10.23 -14.16
N LYS A 355 1.85 -11.00 -15.24
CA LYS A 355 0.65 -11.76 -15.59
C LYS A 355 0.29 -12.77 -14.50
N ILE A 356 1.29 -13.52 -14.06
CA ILE A 356 1.06 -14.50 -13.02
C ILE A 356 0.51 -13.82 -11.76
N PHE A 357 1.15 -12.72 -11.33
CA PHE A 357 0.79 -12.05 -10.09
C PHE A 357 -0.65 -11.53 -10.17
N THR A 358 -1.03 -10.98 -11.33
CA THR A 358 -2.36 -10.38 -11.48
C THR A 358 -3.43 -11.47 -11.25
N GLU A 359 -3.24 -12.62 -11.91
CA GLU A 359 -4.12 -13.77 -11.71
C GLU A 359 -4.13 -14.24 -10.27
N LEU A 360 -2.94 -14.35 -9.68
CA LEU A 360 -2.78 -14.78 -8.31
C LEU A 360 -3.56 -13.90 -7.33
N MET A 361 -3.55 -12.57 -7.57
CA MET A 361 -4.09 -11.62 -6.61
C MET A 361 -5.63 -11.55 -6.62
N LYS A 362 -6.27 -12.12 -7.64
CA LYS A 362 -7.71 -12.34 -7.51
C LYS A 362 -7.99 -13.76 -7.01
N THR B 38 -7.45 -12.12 24.50
CA THR B 38 -6.78 -13.11 23.59
C THR B 38 -7.86 -13.82 22.77
N PHE B 39 -7.45 -14.24 21.57
CA PHE B 39 -8.35 -14.88 20.63
C PHE B 39 -8.05 -16.38 20.59
N SER B 40 -7.51 -16.96 21.71
CA SER B 40 -7.31 -18.41 21.76
C SER B 40 -8.65 -19.15 21.88
N ASN B 41 -9.75 -18.45 22.30
CA ASN B 41 -11.09 -19.05 22.34
C ASN B 41 -12.16 -17.99 22.57
N ASN B 42 -13.44 -18.39 22.43
CA ASN B 42 -14.55 -17.44 22.45
C ASN B 42 -14.85 -16.95 23.87
N LYS B 43 -14.63 -17.79 24.90
CA LYS B 43 -14.81 -17.37 26.29
C LYS B 43 -13.77 -16.32 26.68
N ASN B 44 -12.48 -16.59 26.39
CA ASN B 44 -11.38 -15.63 26.52
C ASN B 44 -11.69 -14.34 25.76
N THR B 45 -12.10 -14.45 24.50
CA THR B 45 -12.35 -13.26 23.68
C THR B 45 -13.45 -12.42 24.32
N ASP B 46 -14.55 -13.07 24.72
CA ASP B 46 -15.70 -12.37 25.28
C ASP B 46 -15.32 -11.67 26.57
N GLU B 47 -14.59 -12.39 27.44
CA GLU B 47 -14.15 -11.80 28.70
C GLU B 47 -13.16 -10.65 28.47
N GLN B 48 -12.17 -10.81 27.60
CA GLN B 48 -11.08 -9.84 27.51
CA GLN B 48 -11.07 -9.85 27.50
C GLN B 48 -11.48 -8.61 26.69
N VAL B 49 -12.29 -8.78 25.61
CA VAL B 49 -12.75 -7.63 24.85
C VAL B 49 -13.78 -6.82 25.66
N THR B 50 -14.70 -7.50 26.36
CA THR B 50 -15.66 -6.79 27.21
C THR B 50 -14.91 -5.91 28.24
N LYS B 51 -13.79 -6.41 28.77
CA LYS B 51 -13.09 -5.68 29.84
C LYS B 51 -12.40 -4.47 29.24
N ALA B 52 -11.84 -4.62 28.03
CA ALA B 52 -11.25 -3.49 27.29
C ALA B 52 -12.31 -2.41 26.97
N LEU B 53 -13.50 -2.82 26.55
CA LEU B 53 -14.53 -1.85 26.23
C LEU B 53 -15.04 -1.17 27.50
N ASN B 54 -15.17 -1.94 28.59
CA ASN B 54 -15.53 -1.39 29.88
C ASN B 54 -14.51 -0.33 30.33
N LEU B 55 -13.21 -0.61 30.18
CA LEU B 55 -12.16 0.32 30.64
C LEU B 55 -12.16 1.63 29.85
N SER B 56 -12.58 1.55 28.57
CA SER B 56 -12.61 2.71 27.71
C SER B 56 -13.97 3.41 27.73
N HIS B 57 -14.88 2.96 28.61
CA HIS B 57 -16.17 3.63 28.81
C HIS B 57 -17.02 3.55 27.52
N PHE B 58 -17.02 2.38 26.86
CA PHE B 58 -17.66 2.26 25.56
C PHE B 58 -19.18 2.33 25.66
N VAL B 59 -19.77 3.11 24.74
CA VAL B 59 -21.20 3.16 24.55
C VAL B 59 -21.46 2.92 23.06
N GLY B 60 -22.23 1.87 22.74
CA GLY B 60 -22.51 1.56 21.36
C GLY B 60 -22.50 0.06 21.11
N SER B 61 -22.16 -0.35 19.86
CA SER B 61 -22.13 -1.76 19.51
C SER B 61 -20.76 -2.13 18.94
N ALA B 62 -20.33 -3.35 19.26
CA ALA B 62 -18.99 -3.85 18.96
C ALA B 62 -19.06 -5.22 18.27
N LEU B 63 -18.38 -5.35 17.14
CA LEU B 63 -18.40 -6.58 16.35
C LEU B 63 -16.97 -6.94 15.97
N VAL B 64 -16.58 -8.19 16.24
CA VAL B 64 -15.25 -8.70 15.93
C VAL B 64 -15.43 -9.97 15.12
N VAL B 65 -14.76 -10.02 13.96
CA VAL B 65 -14.85 -11.14 13.04
C VAL B 65 -13.44 -11.65 12.75
N LYS B 66 -13.28 -12.99 12.73
CA LYS B 66 -12.02 -13.65 12.43
C LYS B 66 -12.26 -14.78 11.44
N ASN B 67 -11.58 -14.69 10.28
CA ASN B 67 -11.69 -15.69 9.23
CA ASN B 67 -11.68 -15.68 9.21
C ASN B 67 -13.16 -15.94 8.88
N ASP B 68 -13.93 -14.85 8.71
CA ASP B 68 -15.34 -14.85 8.31
C ASP B 68 -16.31 -15.32 9.42
N HIS B 69 -15.83 -15.58 10.63
CA HIS B 69 -16.68 -16.03 11.72
C HIS B 69 -16.76 -14.93 12.78
N VAL B 70 -17.97 -14.58 13.21
CA VAL B 70 -18.17 -13.64 14.31
C VAL B 70 -17.62 -14.28 15.59
N ILE B 71 -16.74 -13.56 16.30
CA ILE B 71 -16.23 -14.02 17.58
C ILE B 71 -16.59 -13.10 18.75
N TYR B 72 -17.17 -11.92 18.46
CA TYR B 72 -17.61 -11.00 19.47
C TYR B 72 -18.72 -10.14 18.90
N ASN B 73 -19.84 -10.06 19.61
CA ASN B 73 -20.96 -9.28 19.13
C ASN B 73 -21.76 -8.84 20.34
N ARG B 74 -21.58 -7.58 20.77
CA ARG B 74 -22.24 -7.10 21.99
C ARG B 74 -22.44 -5.59 21.95
N ALA B 75 -23.46 -5.11 22.70
CA ALA B 75 -23.80 -3.69 22.79
C ALA B 75 -23.79 -3.21 24.24
N PHE B 76 -23.52 -1.91 24.41
CA PHE B 76 -23.29 -1.27 25.71
C PHE B 76 -23.97 0.09 25.76
N GLY B 77 -24.46 0.45 26.96
CA GLY B 77 -25.06 1.76 27.20
C GLY B 77 -26.43 1.92 26.54
N TYR B 78 -26.85 3.18 26.38
CA TYR B 78 -28.20 3.53 25.98
C TYR B 78 -28.25 4.06 24.54
N ALA B 79 -29.19 3.53 23.75
CA ALA B 79 -29.59 4.11 22.47
C ALA B 79 -30.31 5.43 22.70
N ASN B 80 -31.19 5.45 23.71
CA ASN B 80 -31.92 6.63 24.12
C ASN B 80 -32.20 6.54 25.63
N LYS B 81 -31.52 7.37 26.43
CA LYS B 81 -31.61 7.25 27.89
C LYS B 81 -32.99 7.68 28.41
N ALA B 82 -33.50 8.82 27.90
CA ALA B 82 -34.81 9.33 28.34
C ALA B 82 -35.90 8.26 28.17
N LYS B 83 -35.84 7.47 27.09
CA LYS B 83 -36.81 6.42 26.84
C LYS B 83 -36.38 5.06 27.39
N ASN B 84 -35.29 5.02 28.17
CA ASN B 84 -34.81 3.80 28.78
C ASN B 84 -34.59 2.70 27.73
N GLN B 85 -34.05 3.07 26.56
CA GLN B 85 -33.81 2.13 25.50
C GLN B 85 -32.31 1.84 25.42
N ARG B 86 -31.94 0.58 25.66
CA ARG B 86 -30.55 0.17 25.63
C ARG B 86 -30.12 -0.02 24.18
N ASN B 87 -28.83 0.24 23.93
CA ASN B 87 -28.24 -0.14 22.66
C ASN B 87 -28.33 -1.66 22.52
N LYS B 88 -28.53 -2.09 21.27
CA LYS B 88 -28.64 -3.50 20.92
C LYS B 88 -27.61 -3.81 19.84
N VAL B 89 -27.33 -5.12 19.69
CA VAL B 89 -26.41 -5.58 18.68
C VAL B 89 -26.80 -4.99 17.32
N ASN B 90 -28.10 -4.93 17.01
CA ASN B 90 -28.51 -4.46 15.69
C ASN B 90 -29.05 -3.03 15.70
N SER B 91 -28.66 -2.26 16.72
CA SER B 91 -28.92 -0.83 16.75
C SER B 91 -28.25 -0.16 15.56
N LYS B 92 -28.86 0.94 15.11
CA LYS B 92 -28.43 1.68 13.94
C LYS B 92 -27.66 2.91 14.37
N TYR B 93 -26.46 3.10 13.78
CA TYR B 93 -25.56 4.19 14.10
C TYR B 93 -25.16 4.93 12.82
N GLN B 94 -24.65 6.14 12.99
CA GLN B 94 -24.18 6.93 11.85
C GLN B 94 -22.82 6.42 11.38
N ILE B 95 -22.69 6.09 10.10
CA ILE B 95 -21.41 5.64 9.58
C ILE B 95 -20.46 6.82 9.34
N LEU B 96 -20.99 8.05 9.22
CA LEU B 96 -20.20 9.26 9.07
C LEU B 96 -19.27 9.10 7.87
N SER B 97 -17.99 9.47 8.01
CA SER B 97 -17.02 9.52 6.92
C SER B 97 -16.71 8.17 6.32
N ILE B 98 -17.08 7.08 7.01
CA ILE B 98 -16.93 5.76 6.40
C ILE B 98 -17.76 5.64 5.10
N GLN B 99 -18.80 6.45 4.97
CA GLN B 99 -19.57 6.52 3.73
C GLN B 99 -18.70 6.90 2.52
N LYS B 100 -17.65 7.68 2.74
CA LYS B 100 -16.78 8.12 1.64
C LYS B 100 -16.16 6.92 0.89
N SER B 101 -15.87 5.84 1.60
CA SER B 101 -15.33 4.62 0.98
C SER B 101 -16.33 4.04 -0.02
N MET B 102 -17.62 4.24 0.26
CA MET B 102 -18.67 3.72 -0.61
C MET B 102 -18.92 4.62 -1.82
N THR B 103 -18.93 5.94 -1.59
CA THR B 103 -18.91 6.92 -2.69
C THR B 103 -17.75 6.61 -3.64
N ALA B 104 -16.56 6.36 -3.07
CA ALA B 104 -15.38 6.06 -3.90
C ALA B 104 -15.60 4.83 -4.78
N VAL B 105 -16.16 3.76 -4.21
CA VAL B 105 -16.43 2.55 -4.97
C VAL B 105 -17.36 2.86 -6.14
N GLY B 106 -18.33 3.75 -5.92
CA GLY B 106 -19.24 4.16 -6.97
C GLY B 106 -18.58 4.83 -8.16
N ILE B 107 -17.62 5.73 -7.89
CA ILE B 107 -16.79 6.33 -8.92
C ILE B 107 -15.99 5.25 -9.68
N MET B 108 -15.41 4.30 -8.95
CA MET B 108 -14.54 3.31 -9.59
C MET B 108 -15.37 2.33 -10.46
N GLN B 109 -16.62 2.07 -10.07
CA GLN B 109 -17.55 1.28 -10.87
C GLN B 109 -17.79 1.97 -12.22
N LEU B 110 -17.93 3.30 -12.20
CA LEU B 110 -18.10 4.08 -13.42
C LEU B 110 -16.83 4.08 -14.28
N VAL B 111 -15.66 4.02 -13.65
CA VAL B 111 -14.41 3.93 -14.38
C VAL B 111 -14.41 2.61 -15.15
N GLN B 112 -14.75 1.52 -14.48
CA GLN B 112 -14.73 0.19 -15.12
C GLN B 112 -15.72 0.12 -16.29
N ALA B 113 -16.87 0.76 -16.12
CA ALA B 113 -17.90 0.82 -17.16
C ALA B 113 -17.52 1.75 -18.32
N GLY B 114 -16.42 2.52 -18.17
CA GLY B 114 -15.95 3.40 -19.22
C GLY B 114 -16.61 4.77 -19.23
N LYS B 115 -17.29 5.16 -18.14
CA LYS B 115 -18.10 6.36 -18.10
C LYS B 115 -17.34 7.58 -17.56
N VAL B 116 -16.33 7.35 -16.73
CA VAL B 116 -15.46 8.42 -16.25
C VAL B 116 -14.03 7.89 -16.25
N LYS B 117 -13.04 8.77 -16.10
CA LYS B 117 -11.65 8.36 -15.92
C LYS B 117 -11.11 9.05 -14.68
N LEU B 118 -10.21 8.37 -13.95
CA LEU B 118 -9.60 9.01 -12.77
C LEU B 118 -8.73 10.20 -13.15
N THR B 119 -8.30 10.29 -14.42
CA THR B 119 -7.53 11.45 -14.89
C THR B 119 -8.42 12.62 -15.33
N ASP B 120 -9.75 12.46 -15.34
CA ASP B 120 -10.65 13.52 -15.74
C ASP B 120 -10.44 14.73 -14.81
N PRO B 121 -10.42 15.96 -15.38
CA PRO B 121 -10.40 17.16 -14.56
C PRO B 121 -11.80 17.43 -14.03
N ILE B 122 -11.85 18.07 -12.86
CA ILE B 122 -13.13 18.34 -12.22
C ILE B 122 -13.99 19.24 -13.10
N SER B 123 -13.36 20.14 -13.87
CA SER B 123 -14.10 21.05 -14.74
C SER B 123 -14.91 20.32 -15.82
N LYS B 124 -14.59 19.05 -16.11
CA LYS B 124 -15.37 18.28 -17.08
C LYS B 124 -16.82 18.15 -16.57
N TYR B 125 -16.97 18.01 -15.24
CA TYR B 125 -18.27 17.77 -14.62
C TYR B 125 -18.86 19.04 -14.03
N TYR B 126 -18.01 20.02 -13.69
CA TYR B 126 -18.41 21.27 -13.07
C TYR B 126 -17.89 22.44 -13.89
N PRO B 127 -18.51 22.75 -15.05
CA PRO B 127 -17.93 23.72 -15.98
C PRO B 127 -17.98 25.19 -15.56
N THR B 128 -18.71 25.53 -14.48
CA THR B 128 -18.75 26.91 -14.01
C THR B 128 -17.76 27.19 -12.87
N LEU B 129 -16.93 26.19 -12.48
CA LEU B 129 -15.90 26.43 -11.49
C LEU B 129 -14.91 27.51 -11.95
N LYS B 130 -14.48 28.36 -10.99
CA LYS B 130 -13.56 29.43 -11.34
C LYS B 130 -12.11 28.99 -11.25
N HIS B 131 -11.79 28.18 -10.22
CA HIS B 131 -10.41 27.84 -9.89
C HIS B 131 -10.30 26.36 -9.54
N GLY B 132 -9.09 25.82 -9.63
CA GLY B 132 -8.83 24.41 -9.35
C GLY B 132 -9.44 23.50 -10.41
N ARG B 133 -9.59 24.01 -11.64
CA ARG B 133 -10.31 23.32 -12.70
C ARG B 133 -9.61 22.05 -13.17
N GLN B 134 -8.29 21.96 -13.02
CA GLN B 134 -7.43 20.87 -13.44
CA GLN B 134 -7.55 20.80 -13.51
C GLN B 134 -7.45 19.69 -12.46
N THR B 135 -7.94 19.91 -11.23
CA THR B 135 -7.94 18.90 -10.16
C THR B 135 -8.56 17.62 -10.69
N THR B 136 -7.88 16.49 -10.52
CA THR B 136 -8.40 15.23 -11.06
C THR B 136 -9.35 14.52 -10.10
N LEU B 137 -10.16 13.59 -10.65
CA LEU B 137 -10.97 12.71 -9.81
C LEU B 137 -10.07 11.91 -8.85
N ARG B 138 -8.88 11.49 -9.32
CA ARG B 138 -7.92 10.76 -8.50
C ARG B 138 -7.59 11.58 -7.25
N GLN B 139 -7.34 12.88 -7.45
CA GLN B 139 -6.99 13.76 -6.34
C GLN B 139 -8.17 13.94 -5.39
N MET B 140 -9.38 14.02 -5.94
CA MET B 140 -10.59 14.12 -5.14
C MET B 140 -10.74 12.89 -4.21
N LEU B 141 -10.50 11.71 -4.79
CA LEU B 141 -10.63 10.47 -4.04
C LEU B 141 -9.57 10.33 -2.95
N ASP B 142 -8.46 11.10 -3.05
CA ASP B 142 -7.29 10.92 -2.20
C ASP B 142 -7.11 12.06 -1.20
N MET B 143 -8.05 13.01 -1.14
CA MET B 143 -7.93 14.18 -0.28
C MET B 143 -6.61 14.92 -0.55
N THR B 144 -6.25 15.07 -1.84
CA THR B 144 -5.09 15.85 -2.24
C THR B 144 -5.45 17.04 -3.12
N THR B 145 -6.60 17.68 -2.84
CA THR B 145 -7.07 18.85 -3.55
C THR B 145 -6.97 20.10 -2.67
N GLY B 146 -7.03 21.27 -3.32
CA GLY B 146 -7.08 22.54 -2.62
C GLY B 146 -8.50 23.05 -2.32
N PHE B 147 -9.52 22.20 -2.44
CA PHE B 147 -10.91 22.62 -2.27
C PHE B 147 -11.30 22.54 -0.80
N ARG B 148 -12.08 23.54 -0.34
CA ARG B 148 -12.69 23.49 0.98
C ARG B 148 -14.02 24.23 0.95
N LEU B 149 -15.05 23.60 1.51
CA LEU B 149 -16.35 24.24 1.67
C LEU B 149 -16.54 24.50 3.16
N LYS B 150 -16.60 25.79 3.51
CA LYS B 150 -16.60 26.22 4.91
C LYS B 150 -17.92 25.86 5.59
N SER B 151 -19.04 25.95 4.86
CA SER B 151 -20.32 25.48 5.37
C SER B 151 -21.30 25.27 4.21
N GLY B 152 -22.25 24.37 4.42
CA GLY B 152 -23.35 24.15 3.49
C GLY B 152 -24.46 25.18 3.72
N SER B 153 -25.48 25.12 2.87
CA SER B 153 -26.68 25.94 3.03
C SER B 153 -27.28 25.73 4.43
N LYS B 154 -27.79 26.81 5.02
CA LYS B 154 -28.61 26.72 6.21
C LYS B 154 -30.00 26.15 5.91
N GLU B 155 -30.44 26.21 4.65
CA GLU B 155 -31.71 25.65 4.22
C GLU B 155 -31.56 24.15 3.98
N PHE B 156 -32.70 23.46 4.02
CA PHE B 156 -32.82 22.08 3.61
C PHE B 156 -33.07 22.04 2.11
N LEU B 157 -32.13 21.46 1.36
CA LEU B 157 -32.13 21.54 -0.09
C LEU B 157 -32.20 20.13 -0.67
N PRO B 158 -32.76 19.98 -1.89
CA PRO B 158 -32.68 18.72 -2.62
C PRO B 158 -31.27 18.49 -3.13
N GLU B 159 -30.97 17.23 -3.52
CA GLU B 159 -29.60 16.85 -3.86
C GLU B 159 -29.00 17.77 -4.91
N ASN B 160 -29.75 18.08 -5.97
CA ASN B 160 -29.16 18.87 -7.05
C ASN B 160 -28.73 20.24 -6.54
N GLN B 161 -29.50 20.79 -5.59
CA GLN B 161 -29.20 22.13 -5.09
C GLN B 161 -28.08 22.08 -4.06
N VAL B 162 -27.95 20.98 -3.33
CA VAL B 162 -26.78 20.78 -2.45
C VAL B 162 -25.49 20.77 -3.28
N ILE B 163 -25.50 20.04 -4.40
CA ILE B 163 -24.36 20.03 -5.31
C ILE B 163 -24.05 21.45 -5.82
N ASP B 164 -25.06 22.12 -6.36
CA ASP B 164 -24.84 23.44 -6.93
C ASP B 164 -24.29 24.39 -5.88
N PHE B 165 -24.82 24.33 -4.65
CA PHE B 165 -24.38 25.20 -3.57
C PHE B 165 -22.89 24.99 -3.33
N ALA B 166 -22.45 23.73 -3.31
CA ALA B 166 -21.05 23.44 -3.06
C ALA B 166 -20.17 23.96 -4.19
N ALA B 167 -20.60 23.73 -5.44
CA ALA B 167 -19.80 24.18 -6.57
C ALA B 167 -19.69 25.71 -6.59
N HIS B 168 -20.74 26.44 -6.20
CA HIS B 168 -20.72 27.90 -6.19
C HIS B 168 -19.92 28.45 -5.01
N ASN B 169 -19.88 27.74 -3.86
CA ASN B 169 -19.32 28.35 -2.66
C ASN B 169 -17.95 27.81 -2.24
N VAL B 170 -17.46 26.73 -2.86
CA VAL B 170 -16.21 26.11 -2.44
C VAL B 170 -15.06 27.11 -2.62
N PHE B 171 -14.14 27.09 -1.68
CA PHE B 171 -12.89 27.84 -1.76
C PHE B 171 -11.81 26.96 -2.38
N TYR B 172 -10.82 27.59 -3.04
CA TYR B 172 -9.69 26.86 -3.58
C TYR B 172 -8.38 27.52 -3.14
N TYR B 173 -7.52 26.66 -2.57
CA TYR B 173 -6.22 27.02 -2.02
C TYR B 173 -5.11 26.36 -2.83
N PRO B 174 -4.45 27.10 -3.76
CA PRO B 174 -3.39 26.53 -4.59
C PRO B 174 -2.27 25.84 -3.83
N ASP B 175 -1.92 26.37 -2.65
CA ASP B 175 -0.83 25.82 -1.86
C ASP B 175 -1.17 24.44 -1.31
N LYS B 176 -2.45 24.06 -1.30
CA LYS B 176 -2.83 22.74 -0.80
C LYS B 176 -3.03 21.75 -1.96
N ASN B 177 -2.93 22.19 -3.21
CA ASN B 177 -3.09 21.28 -4.34
C ASN B 177 -1.98 20.21 -4.34
N GLY B 178 -2.38 18.94 -4.41
CA GLY B 178 -1.48 17.79 -4.46
C GLY B 178 -0.88 17.37 -3.12
N ILE B 179 -1.41 17.89 -2.01
CA ILE B 179 -0.96 17.56 -0.67
C ILE B 179 -2.15 17.06 0.13
N TYR B 180 -1.97 15.95 0.86
CA TYR B 180 -3.01 15.41 1.68
C TYR B 180 -3.54 16.44 2.69
N ASN B 181 -4.83 16.70 2.62
CA ASN B 181 -5.50 17.55 3.58
C ASN B 181 -6.97 17.15 3.54
N TYR B 182 -7.50 16.69 4.67
CA TYR B 182 -8.83 16.08 4.69
C TYR B 182 -9.86 17.16 4.43
N SER B 183 -10.71 16.99 3.40
CA SER B 183 -11.72 17.96 3.05
C SER B 183 -12.96 17.27 2.48
N SER B 184 -14.07 17.27 3.23
CA SER B 184 -15.25 16.47 2.89
CA SER B 184 -15.25 16.47 2.90
C SER B 184 -15.88 16.86 1.56
N VAL B 185 -15.71 18.12 1.17
CA VAL B 185 -16.37 18.60 -0.05
C VAL B 185 -15.90 17.78 -1.27
N ASN B 186 -14.67 17.24 -1.23
CA ASN B 186 -14.18 16.41 -2.32
C ASN B 186 -15.18 15.29 -2.65
N PHE B 187 -15.70 14.65 -1.61
CA PHE B 187 -16.54 13.48 -1.78
C PHE B 187 -17.98 13.86 -2.06
N LEU B 188 -18.43 15.05 -1.63
CA LEU B 188 -19.74 15.55 -2.05
C LEU B 188 -19.72 15.84 -3.55
N LEU B 189 -18.62 16.42 -4.03
CA LEU B 189 -18.50 16.71 -5.46
C LEU B 189 -18.36 15.42 -6.29
N LEU B 190 -17.75 14.39 -5.71
CA LEU B 190 -17.74 13.07 -6.31
C LEU B 190 -19.17 12.48 -6.37
N ALA B 191 -19.98 12.66 -5.31
CA ALA B 191 -21.36 12.20 -5.36
C ALA B 191 -22.16 12.91 -6.47
N GLY B 192 -21.86 14.18 -6.71
CA GLY B 192 -22.46 14.96 -7.79
C GLY B 192 -22.08 14.39 -9.16
N ILE B 193 -20.84 13.94 -9.29
CA ILE B 193 -20.40 13.26 -10.50
C ILE B 193 -21.21 11.96 -10.72
N ILE B 194 -21.42 11.18 -9.67
CA ILE B 194 -22.26 9.98 -9.80
C ILE B 194 -23.63 10.38 -10.34
N ARG B 195 -24.23 11.41 -9.74
CA ARG B 195 -25.53 11.90 -10.16
C ARG B 195 -25.54 12.32 -11.64
N LYS B 196 -24.56 13.11 -12.04
CA LYS B 196 -24.55 13.66 -13.39
C LYS B 196 -24.39 12.55 -14.42
N VAL B 197 -23.49 11.61 -14.16
CA VAL B 197 -23.17 10.59 -15.14
C VAL B 197 -24.32 9.58 -15.25
N THR B 198 -24.90 9.19 -14.11
CA THR B 198 -25.92 8.14 -14.11
C THR B 198 -27.30 8.68 -14.51
N GLY B 199 -27.55 9.97 -14.26
CA GLY B 199 -28.86 10.58 -14.46
C GLY B 199 -29.89 10.16 -13.40
N GLN B 200 -29.41 9.62 -12.27
CA GLN B 200 -30.24 9.27 -11.14
C GLN B 200 -29.60 9.85 -9.86
N SER B 201 -30.39 9.92 -8.80
CA SER B 201 -29.95 10.48 -7.53
C SER B 201 -28.83 9.62 -6.93
N TYR B 202 -28.06 10.26 -6.02
CA TYR B 202 -27.09 9.53 -5.21
C TYR B 202 -27.80 8.50 -4.33
N GLN B 203 -28.97 8.84 -3.80
CA GLN B 203 -29.69 7.91 -2.96
C GLN B 203 -30.09 6.68 -3.77
N HIS B 204 -30.50 6.89 -5.03
CA HIS B 204 -30.81 5.78 -5.92
C HIS B 204 -29.59 4.88 -6.18
N PHE B 205 -28.44 5.50 -6.44
CA PHE B 205 -27.20 4.76 -6.63
C PHE B 205 -26.87 3.90 -5.41
N PHE B 206 -26.94 4.50 -4.23
CA PHE B 206 -26.59 3.82 -2.99
C PHE B 206 -27.55 2.68 -2.70
N THR B 207 -28.85 2.92 -2.87
CA THR B 207 -29.85 1.91 -2.63
C THR B 207 -29.63 0.72 -3.58
N THR B 208 -29.41 1.02 -4.87
CA THR B 208 -29.24 -0.02 -5.88
C THR B 208 -27.96 -0.82 -5.67
N HIS B 209 -26.83 -0.12 -5.45
CA HIS B 209 -25.55 -0.78 -5.51
C HIS B 209 -25.10 -1.34 -4.17
N PHE B 210 -25.71 -0.89 -3.06
CA PHE B 210 -25.33 -1.37 -1.74
C PHE B 210 -26.52 -2.03 -1.05
N ILE B 211 -27.60 -1.28 -0.80
CA ILE B 211 -28.68 -1.80 0.03
C ILE B 211 -29.31 -3.02 -0.66
N ASP B 212 -29.73 -2.86 -1.91
CA ASP B 212 -30.38 -3.95 -2.63
C ASP B 212 -29.38 -5.05 -2.98
N LYS B 213 -28.21 -4.65 -3.51
CA LYS B 213 -27.20 -5.60 -3.96
C LYS B 213 -26.84 -6.58 -2.84
N LEU B 214 -26.68 -6.09 -1.61
CA LEU B 214 -26.20 -6.94 -0.51
C LEU B 214 -27.29 -7.27 0.50
N ASN B 215 -28.57 -7.04 0.16
CA ASN B 215 -29.70 -7.37 1.02
C ASN B 215 -29.56 -6.76 2.41
N LEU B 216 -29.20 -5.47 2.50
CA LEU B 216 -29.03 -4.83 3.78
C LEU B 216 -30.40 -4.43 4.33
N ASN B 217 -30.68 -4.80 5.58
CA ASN B 217 -31.99 -4.64 6.19
CA ASN B 217 -32.00 -4.62 6.17
C ASN B 217 -31.91 -3.66 7.36
N GLU B 218 -30.68 -3.16 7.68
CA GLU B 218 -30.48 -2.23 8.78
C GLU B 218 -29.69 -1.00 8.32
N THR B 219 -29.91 -0.60 7.05
CA THR B 219 -29.17 0.47 6.42
C THR B 219 -30.14 1.43 5.74
N GLY B 220 -29.83 2.73 5.81
CA GLY B 220 -30.64 3.71 5.13
C GLY B 220 -30.13 5.12 5.32
N PHE B 221 -30.94 6.07 4.82
CA PHE B 221 -30.59 7.48 4.92
C PHE B 221 -31.28 8.08 6.14
N LEU B 222 -30.47 8.71 7.00
CA LEU B 222 -30.96 9.27 8.25
C LEU B 222 -32.17 10.19 8.04
N ILE B 223 -32.19 10.92 6.91
CA ILE B 223 -33.23 11.91 6.65
C ILE B 223 -34.61 11.25 6.62
N HIS B 224 -34.68 9.97 6.28
CA HIS B 224 -35.95 9.28 6.18
C HIS B 224 -36.34 8.59 7.48
N GLY B 225 -35.52 8.65 8.53
CA GLY B 225 -35.83 7.99 9.78
C GLY B 225 -35.14 6.64 9.87
N GLN B 226 -34.73 6.25 11.08
CA GLN B 226 -33.97 5.02 11.29
C GLN B 226 -34.87 3.78 11.39
N GLY B 227 -36.15 3.96 11.82
CA GLY B 227 -37.00 2.80 12.08
C GLY B 227 -36.67 2.16 13.43
N GLN B 228 -36.73 0.82 13.47
CA GLN B 228 -36.61 0.06 14.68
C GLN B 228 -35.14 0.08 15.13
N ASP B 229 -34.93 0.14 16.45
CA ASP B 229 -33.61 0.13 17.06
C ASP B 229 -32.79 1.35 16.62
N ALA B 230 -33.45 2.52 16.57
CA ALA B 230 -32.84 3.82 16.35
C ALA B 230 -31.93 4.22 17.52
N THR B 231 -30.92 5.04 17.26
CA THR B 231 -30.11 5.61 18.32
C THR B 231 -30.21 7.13 18.29
N THR B 232 -29.78 7.73 19.41
CA THR B 232 -29.71 9.17 19.62
C THR B 232 -28.28 9.55 19.95
N GLY B 233 -27.77 10.60 19.31
CA GLY B 233 -26.42 11.11 19.57
C GLY B 233 -26.39 11.99 20.83
N TYR B 234 -25.37 11.78 21.69
CA TYR B 234 -25.18 12.55 22.92
C TYR B 234 -23.95 13.45 22.78
N ARG B 235 -24.07 14.67 23.34
CA ARG B 235 -22.98 15.62 23.40
C ARG B 235 -22.19 15.49 24.70
N ALA B 236 -20.85 15.44 24.58
CA ALA B 236 -19.94 15.28 25.70
C ALA B 236 -19.20 16.59 25.95
N LEU B 237 -18.66 16.72 27.18
CA LEU B 237 -17.67 17.73 27.52
C LEU B 237 -16.28 17.26 27.08
N ALA B 238 -15.33 18.21 26.99
CA ALA B 238 -14.03 17.88 26.41
C ALA B 238 -13.33 16.80 27.21
N ASP B 239 -13.39 16.87 28.55
CA ASP B 239 -12.61 16.01 29.44
C ASP B 239 -13.41 14.77 29.88
N GLN B 240 -14.68 14.68 29.45
CA GLN B 240 -15.62 13.71 29.99
C GLN B 240 -15.25 12.27 29.58
N THR B 241 -15.32 11.37 30.56
CA THR B 241 -15.13 9.94 30.32
C THR B 241 -16.39 9.16 30.66
N LEU B 242 -16.92 9.31 31.87
CA LEU B 242 -18.13 8.58 32.22
C LEU B 242 -19.34 9.12 31.46
N PRO B 243 -20.13 8.25 30.78
CA PRO B 243 -21.37 8.67 30.14
C PRO B 243 -22.38 9.21 31.16
N ASN B 244 -23.06 10.32 30.82
CA ASN B 244 -24.09 10.87 31.71
C ASN B 244 -25.39 11.19 30.96
N TYR B 245 -25.35 11.32 29.62
CA TYR B 245 -26.55 11.39 28.79
C TYR B 245 -27.39 12.64 29.11
N ASP B 246 -26.80 13.67 29.73
CA ASP B 246 -27.53 14.87 30.10
C ASP B 246 -27.80 15.80 28.91
N GLN B 247 -27.03 15.70 27.81
CA GLN B 247 -27.24 16.57 26.65
C GLN B 247 -27.28 15.72 25.36
N THR B 248 -28.38 15.82 24.61
CA THR B 248 -28.46 15.20 23.29
C THR B 248 -27.87 16.16 22.25
N MET B 249 -27.35 15.59 21.17
CA MET B 249 -26.72 16.36 20.11
C MET B 249 -27.73 16.53 18.98
N PRO B 250 -28.14 17.77 18.62
CA PRO B 250 -29.11 17.96 17.54
C PRO B 250 -28.47 17.73 16.18
N GLU B 251 -29.31 17.38 15.20
CA GLU B 251 -28.93 17.44 13.78
C GLU B 251 -30.18 17.75 12.95
N SER B 252 -30.08 18.79 12.12
CA SER B 252 -31.20 19.23 11.32
C SER B 252 -31.28 18.45 10.03
N LYS B 253 -32.38 18.68 9.31
CA LYS B 253 -32.54 18.16 7.96
C LYS B 253 -31.48 18.76 7.05
N SER B 254 -31.19 20.06 7.23
CA SER B 254 -30.16 20.79 6.51
C SER B 254 -28.81 20.08 6.65
N GLN B 255 -28.41 19.79 7.88
CA GLN B 255 -27.15 19.08 8.11
C GLN B 255 -27.14 17.72 7.41
N MET B 256 -28.24 16.98 7.48
CA MET B 256 -28.30 15.64 6.88
C MET B 256 -28.21 15.77 5.37
N ALA B 257 -28.95 16.73 4.77
CA ALA B 257 -28.91 16.90 3.32
C ALA B 257 -27.50 17.29 2.88
N ASN B 258 -26.81 18.10 3.69
CA ASN B 258 -25.50 18.63 3.31
C ASN B 258 -24.40 17.57 3.42
N GLU B 259 -24.71 16.39 4.00
CA GLU B 259 -23.78 15.26 4.08
C GLU B 259 -23.94 14.30 2.89
N LEU B 260 -24.51 14.79 1.79
CA LEU B 260 -24.57 14.06 0.53
C LEU B 260 -23.20 13.46 0.16
N GLY B 261 -23.16 12.12 0.04
CA GLY B 261 -21.96 11.37 -0.31
C GLY B 261 -20.94 11.18 0.81
N THR B 262 -21.14 11.79 2.00
CA THR B 262 -20.07 11.98 2.95
C THR B 262 -20.40 11.53 4.39
N GLY B 263 -21.68 11.42 4.78
CA GLY B 263 -22.02 11.10 6.16
C GLY B 263 -23.50 11.29 6.47
N GLN B 264 -24.35 10.66 5.65
CA GLN B 264 -25.79 10.81 5.68
C GLN B 264 -26.51 9.44 5.89
N VAL B 265 -25.74 8.38 6.16
CA VAL B 265 -26.25 7.01 6.19
C VAL B 265 -26.12 6.45 7.61
N TYR B 266 -27.09 5.60 7.99
CA TYR B 266 -27.02 4.78 9.19
C TYR B 266 -26.84 3.32 8.80
N MET B 267 -26.14 2.58 9.67
CA MET B 267 -25.99 1.14 9.53
C MET B 267 -25.91 0.53 10.92
N SER B 268 -26.24 -0.77 11.03
CA SER B 268 -25.78 -1.59 12.14
C SER B 268 -24.31 -1.94 11.91
N THR B 269 -23.64 -2.45 12.95
CA THR B 269 -22.27 -2.93 12.81
C THR B 269 -22.21 -4.07 11.79
N ALA B 270 -23.23 -4.93 11.76
CA ALA B 270 -23.24 -6.03 10.82
C ALA B 270 -23.32 -5.52 9.39
N ASP B 271 -24.20 -4.56 9.13
CA ASP B 271 -24.35 -4.08 7.76
C ASP B 271 -23.07 -3.39 7.29
N LEU B 272 -22.38 -2.67 8.20
CA LEU B 272 -21.15 -1.98 7.81
C LEU B 272 -20.07 -3.00 7.49
N PHE B 273 -19.95 -4.04 8.33
CA PHE B 273 -18.99 -5.10 8.04
C PHE B 273 -19.31 -5.74 6.69
N THR B 274 -20.59 -6.06 6.46
CA THR B 274 -20.99 -6.71 5.21
C THR B 274 -20.53 -5.87 4.01
N VAL B 275 -20.74 -4.55 4.06
CA VAL B 275 -20.40 -3.68 2.96
C VAL B 275 -18.88 -3.68 2.70
N GLU B 276 -18.11 -3.40 3.75
CA GLU B 276 -16.67 -3.22 3.57
C GLU B 276 -16.01 -4.55 3.21
N SER B 277 -16.50 -5.65 3.80
CA SER B 277 -16.06 -6.98 3.43
C SER B 277 -16.34 -7.30 1.96
N ALA B 278 -17.56 -6.98 1.48
CA ALA B 278 -17.94 -7.23 0.09
C ALA B 278 -17.00 -6.47 -0.85
N ILE B 279 -16.62 -5.26 -0.47
CA ILE B 279 -15.75 -4.46 -1.33
C ILE B 279 -14.42 -5.20 -1.49
N LEU B 280 -13.82 -5.57 -0.35
CA LEU B 280 -12.49 -6.19 -0.39
C LEU B 280 -12.56 -7.58 -1.04
N LYS B 281 -13.71 -8.25 -0.96
CA LYS B 281 -13.88 -9.58 -1.56
C LYS B 281 -14.12 -9.51 -3.06
N GLY B 282 -14.25 -8.32 -3.62
CA GLY B 282 -14.44 -8.19 -5.05
C GLY B 282 -15.87 -8.39 -5.52
N GLN B 283 -16.85 -8.25 -4.62
CA GLN B 283 -18.23 -8.49 -4.97
C GLN B 283 -18.86 -7.30 -5.69
N LEU B 284 -18.32 -6.07 -5.48
CA LEU B 284 -18.97 -4.87 -6.01
C LEU B 284 -18.18 -4.26 -7.16
N LEU B 285 -16.99 -4.78 -7.39
CA LEU B 285 -15.91 -4.12 -8.11
C LEU B 285 -14.75 -5.12 -8.09
N SER B 286 -14.05 -5.31 -9.22
CA SER B 286 -13.01 -6.33 -9.28
C SER B 286 -11.94 -6.06 -8.21
N LYS B 287 -11.24 -7.11 -7.73
CA LYS B 287 -10.14 -6.89 -6.80
C LYS B 287 -9.04 -6.00 -7.40
N LYS B 288 -8.76 -6.16 -8.70
CA LYS B 288 -7.79 -5.32 -9.38
C LYS B 288 -8.18 -3.85 -9.28
N ASN B 289 -9.45 -3.56 -9.49
CA ASN B 289 -9.94 -2.19 -9.43
C ASN B 289 -10.03 -1.69 -7.97
N VAL B 290 -10.38 -2.56 -7.04
CA VAL B 290 -10.31 -2.16 -5.63
C VAL B 290 -8.89 -1.72 -5.25
N ALA B 291 -7.87 -2.46 -5.70
CA ALA B 291 -6.49 -2.14 -5.37
C ALA B 291 -6.05 -0.84 -6.06
N ILE B 292 -6.45 -0.60 -7.31
CA ILE B 292 -6.15 0.67 -7.95
C ILE B 292 -6.74 1.82 -7.13
N LEU B 293 -8.01 1.67 -6.73
CA LEU B 293 -8.68 2.66 -5.93
C LEU B 293 -7.95 2.88 -4.60
N HIS B 294 -7.70 1.80 -3.84
CA HIS B 294 -7.14 1.85 -2.51
C HIS B 294 -5.61 1.90 -2.57
N THR B 295 -5.06 3.05 -2.96
CA THR B 295 -3.63 3.23 -3.12
C THR B 295 -3.24 4.57 -2.48
N ARG B 296 -2.21 4.57 -1.63
CA ARG B 296 -1.76 5.77 -0.93
C ARG B 296 -1.07 6.72 -1.90
N THR B 297 -0.84 7.95 -1.43
CA THR B 297 -0.21 9.00 -2.22
C THR B 297 1.20 9.30 -1.68
N ALA B 298 1.88 10.21 -2.37
CA ALA B 298 3.17 10.68 -1.91
C ALA B 298 3.09 11.32 -0.53
N THR B 299 1.93 11.91 -0.16
CA THR B 299 1.84 12.73 1.04
C THR B 299 0.98 12.10 2.15
N GLY B 300 0.20 11.05 1.87
CA GLY B 300 -0.65 10.49 2.90
C GLY B 300 -0.99 9.03 2.63
N GLU B 301 -1.32 8.28 3.71
CA GLU B 301 -1.77 6.90 3.62
CA GLU B 301 -1.76 6.90 3.59
C GLU B 301 -3.18 6.82 3.03
N TYR B 302 -3.93 7.92 3.07
CA TYR B 302 -5.27 7.94 2.49
C TYR B 302 -5.21 7.79 0.97
N GLY B 303 -6.13 7.01 0.46
CA GLY B 303 -6.30 6.89 -0.97
C GLY B 303 -7.57 6.09 -1.25
N GLY B 304 -8.39 6.63 -2.16
CA GLY B 304 -9.56 5.93 -2.63
C GLY B 304 -10.63 5.81 -1.55
N GLY B 305 -10.67 6.78 -0.60
CA GLY B 305 -11.71 6.81 0.40
C GLY B 305 -11.43 6.02 1.67
N VAL B 306 -10.22 5.44 1.82
CA VAL B 306 -9.82 4.71 3.01
C VAL B 306 -8.37 5.09 3.33
N TYR B 307 -7.97 4.81 4.58
CA TYR B 307 -6.56 4.81 4.95
C TYR B 307 -5.98 3.42 4.72
N ASN B 308 -4.89 3.37 3.95
CA ASN B 308 -4.27 2.14 3.48
C ASN B 308 -3.14 1.70 4.44
N MET B 309 -3.16 0.42 4.81
CA MET B 309 -2.16 -0.22 5.65
C MET B 309 -1.60 -1.46 4.93
N SER B 310 -0.42 -1.93 5.36
CA SER B 310 0.13 -3.15 4.77
C SER B 310 -0.81 -4.35 4.97
N ASN B 311 -1.56 -4.38 6.07
CA ASN B 311 -2.41 -5.52 6.42
C ASN B 311 -3.90 -5.16 6.41
N GLY B 312 -4.30 -4.23 5.54
CA GLY B 312 -5.71 -3.99 5.29
C GLY B 312 -6.03 -2.51 5.15
N ILE B 313 -7.28 -2.15 5.51
CA ILE B 313 -7.76 -0.78 5.45
C ILE B 313 -8.32 -0.33 6.80
N ARG B 314 -8.35 0.98 6.99
CA ARG B 314 -8.91 1.62 8.18
C ARG B 314 -9.76 2.81 7.72
N SER B 315 -10.91 3.00 8.38
CA SER B 315 -11.74 4.17 8.12
C SER B 315 -12.41 4.61 9.44
N HIS B 316 -12.45 5.93 9.63
CA HIS B 316 -12.85 6.54 10.88
C HIS B 316 -13.83 7.65 10.58
N GLY B 317 -14.86 7.78 11.43
CA GLY B 317 -15.78 8.91 11.33
C GLY B 317 -16.08 9.55 12.68
N LEU B 318 -16.29 10.87 12.67
CA LEU B 318 -16.71 11.65 13.83
C LEU B 318 -17.77 12.66 13.41
N GLY B 319 -18.84 12.78 14.20
CA GLY B 319 -19.78 13.84 14.00
C GLY B 319 -21.13 13.60 14.66
N TYR B 320 -21.82 14.71 14.99
CA TYR B 320 -23.21 14.68 15.44
C TYR B 320 -23.39 13.85 16.72
N GLY B 321 -22.34 13.78 17.56
CA GLY B 321 -22.32 12.98 18.79
C GLY B 321 -21.90 11.52 18.59
N TYR B 322 -21.65 11.11 17.34
CA TYR B 322 -21.27 9.74 17.00
C TYR B 322 -19.77 9.63 16.69
N GLU B 323 -19.28 8.39 16.76
CA GLU B 323 -17.97 7.99 16.26
C GLU B 323 -18.11 6.62 15.62
N SER B 324 -17.42 6.43 14.48
CA SER B 324 -17.42 5.15 13.80
C SER B 324 -15.98 4.74 13.47
N SER B 325 -15.69 3.45 13.57
CA SER B 325 -14.38 2.92 13.32
C SER B 325 -14.47 1.51 12.71
N ILE B 326 -13.75 1.29 11.59
CA ILE B 326 -13.50 -0.05 11.07
C ILE B 326 -12.02 -0.25 10.75
N PHE B 327 -11.51 -1.44 11.14
CA PHE B 327 -10.26 -2.02 10.66
C PHE B 327 -10.56 -3.37 10.00
N LEU B 328 -10.05 -3.57 8.77
CA LEU B 328 -10.37 -4.80 8.05
C LEU B 328 -9.13 -5.31 7.31
N SER B 329 -8.98 -6.64 7.32
CA SER B 329 -7.89 -7.35 6.67
C SER B 329 -8.03 -7.35 5.15
N PRO B 330 -6.94 -7.62 4.37
CA PRO B 330 -6.96 -7.44 2.93
C PRO B 330 -7.89 -8.38 2.15
N ASP B 331 -8.24 -9.51 2.76
CA ASP B 331 -9.19 -10.47 2.18
C ASP B 331 -10.63 -10.21 2.63
N GLY B 332 -10.85 -9.20 3.49
CA GLY B 332 -12.19 -8.89 3.97
C GLY B 332 -12.74 -9.87 5.02
N LYS B 333 -11.90 -10.73 5.60
CA LYS B 333 -12.43 -11.83 6.40
C LYS B 333 -12.22 -11.59 7.89
N THR B 334 -11.34 -10.64 8.25
CA THR B 334 -10.95 -10.44 9.63
C THR B 334 -10.97 -8.95 9.95
N GLY B 335 -11.73 -8.54 10.97
CA GLY B 335 -11.73 -7.13 11.30
C GLY B 335 -12.54 -6.80 12.54
N VAL B 336 -12.64 -5.51 12.81
CA VAL B 336 -13.40 -5.00 13.93
C VAL B 336 -14.17 -3.77 13.49
N VAL B 337 -15.45 -3.72 13.91
CA VAL B 337 -16.29 -2.54 13.77
C VAL B 337 -16.75 -2.10 15.15
N LEU B 338 -16.44 -0.83 15.51
CA LEU B 338 -17.07 -0.19 16.65
C LEU B 338 -17.87 1.03 16.17
N MET B 339 -19.12 1.18 16.66
CA MET B 339 -19.83 2.43 16.43
C MET B 339 -20.45 2.89 17.75
N SER B 340 -20.34 4.19 18.00
CA SER B 340 -20.77 4.81 19.26
C SER B 340 -21.71 5.96 18.96
N ASN B 341 -22.79 6.07 19.75
CA ASN B 341 -23.66 7.23 19.73
C ASN B 341 -23.33 8.24 20.85
N TYR B 342 -22.13 8.14 21.44
CA TYR B 342 -21.74 9.01 22.54
C TYR B 342 -20.24 9.30 22.47
N TYR B 343 -19.85 10.05 21.44
CA TYR B 343 -18.45 10.35 21.21
C TYR B 343 -17.90 11.15 22.39
N ARG B 344 -16.71 10.75 22.84
CA ARG B 344 -15.95 11.47 23.87
C ARG B 344 -14.48 11.49 23.48
N LYS B 345 -13.93 12.69 23.27
CA LYS B 345 -12.53 12.87 22.86
C LYS B 345 -11.59 12.17 23.85
N ALA B 346 -11.97 12.17 25.14
CA ALA B 346 -11.15 11.60 26.21
C ALA B 346 -11.39 10.10 26.33
N ALA B 347 -12.32 9.56 25.53
CA ALA B 347 -12.55 8.12 25.51
C ALA B 347 -12.86 7.66 24.07
N GLY B 348 -11.91 7.92 23.15
CA GLY B 348 -12.11 7.61 21.74
C GLY B 348 -12.11 6.11 21.46
N ILE B 349 -12.93 5.67 20.50
CA ILE B 349 -13.08 4.26 20.24
C ILE B 349 -12.08 3.76 19.21
N GLN B 350 -11.54 4.65 18.35
CA GLN B 350 -10.63 4.20 17.31
C GLN B 350 -9.40 3.50 17.92
N ALA B 351 -8.85 4.07 19.01
CA ALA B 351 -7.71 3.49 19.68
C ALA B 351 -8.02 2.05 20.12
N THR B 352 -9.20 1.82 20.68
CA THR B 352 -9.61 0.50 21.12
C THR B 352 -9.76 -0.47 19.93
N ALA B 353 -10.40 -0.01 18.84
CA ALA B 353 -10.48 -0.82 17.63
C ALA B 353 -9.10 -1.20 17.10
N ASN B 354 -8.15 -0.24 17.12
CA ASN B 354 -6.81 -0.47 16.60
C ASN B 354 -6.11 -1.58 17.39
N LYS B 355 -6.23 -1.56 18.72
CA LYS B 355 -5.56 -2.52 19.58
C LYS B 355 -6.17 -3.92 19.37
N ILE B 356 -7.50 -3.99 19.22
CA ILE B 356 -8.12 -5.27 18.92
C ILE B 356 -7.62 -5.84 17.59
N PHE B 357 -7.60 -5.01 16.53
CA PHE B 357 -7.20 -5.46 15.21
C PHE B 357 -5.75 -5.93 15.21
N THR B 358 -4.88 -5.18 15.88
CA THR B 358 -3.45 -5.49 15.89
C THR B 358 -3.24 -6.89 16.48
N GLU B 359 -3.87 -7.16 17.62
CA GLU B 359 -3.80 -8.48 18.25
C GLU B 359 -4.50 -9.56 17.41
N LEU B 360 -5.65 -9.23 16.82
CA LEU B 360 -6.39 -10.13 15.94
C LEU B 360 -5.48 -10.63 14.82
N MET B 361 -4.72 -9.72 14.21
CA MET B 361 -3.97 -10.03 12.99
C MET B 361 -2.66 -10.78 13.29
N LYS B 362 -2.21 -10.78 14.56
CA LYS B 362 -1.01 -11.52 14.94
C LYS B 362 -1.23 -13.03 14.76
S SO4 C . 28.09 23.19 2.64
O1 SO4 C . 26.80 23.31 3.27
O2 SO4 C . 27.80 22.86 1.22
O3 SO4 C . 28.80 24.44 2.75
O4 SO4 C . 28.87 22.18 3.27
S SO4 D . -7.59 -14.55 -0.60
O1 SO4 D . -9.02 -14.45 -0.16
O2 SO4 D . -6.83 -15.41 0.35
O3 SO4 D . -7.56 -15.14 -1.95
O4 SO4 D . -6.95 -13.23 -0.60
C1 EDO E . 11.85 -26.47 -20.51
O1 EDO E . 12.27 -25.28 -21.14
C2 EDO E . 13.05 -27.21 -20.39
O2 EDO E . 13.50 -27.14 -19.09
C1 EDO F . 36.99 -5.64 -0.26
O1 EDO F . 36.50 -5.69 -1.57
C2 EDO F . 36.85 -4.31 0.34
O2 EDO F . 36.53 -4.33 1.78
C1 EDO G . 5.31 -1.71 14.61
O1 EDO G . 5.70 -0.58 13.82
C2 EDO G . 5.28 -3.00 13.83
O2 EDO G . 6.57 -3.60 13.59
S SO4 H . -10.38 24.70 -19.19
O1 SO4 H . -10.08 25.12 -17.83
O2 SO4 H . -11.76 24.28 -19.26
O3 SO4 H . -10.10 25.76 -20.12
O4 SO4 H . -9.51 23.58 -19.43
C1 EDO I . -16.30 13.31 33.69
O1 EDO I . -16.25 11.89 33.52
C2 EDO I . -17.70 13.85 33.97
O2 EDO I . -18.41 14.75 33.03
#